data_7LI6
#
_entry.id   7LI6
#
_cell.length_a   1.00
_cell.length_b   1.00
_cell.length_c   1.00
_cell.angle_alpha   90.00
_cell.angle_beta   90.00
_cell.angle_gamma   90.00
#
_symmetry.space_group_name_H-M   'P 1'
#
loop_
_entity.id
_entity.type
_entity.pdbx_description
1 polymer 'Sodium-dependent serotonin transporter'
2 polymer 'variable domain of 15B8 antibody Fab heavy chain'
3 polymer 'variable domain of 15B8 antibody Fab light chain'
4 branched 2-acetamido-2-deoxy-beta-D-glucopyranose-(1-4)-2-acetamido-2-deoxy-beta-D-glucopyranose
5 non-polymer 'CHLORIDE ION'
6 non-polymer HEXADECANE
7 non-polymer HEPTANE
8 non-polymer DECANE
9 non-polymer DODECANE
10 non-polymer PENTANE
#
loop_
_entity_poly.entity_id
_entity_poly.type
_entity_poly.pdbx_seq_one_letter_code
_entity_poly.pdbx_strand_id
1 'polypeptide(L)'
;RETWGKKVDFLLSVIGYAVDLGNVWRFPYICYQNGGGAFLLPYTIMAIFGGIPLFYMELALGQYHRNGCISIWRKICPIF
KGIGYAICIIAFYIASYYNTIMAWALYYLISSFTDQLPWTSCKNSWNTGNCTNYFSEDNITWTLHSTSPAEEFYTRHVLQ
IHRSKGLQDLGGISWQLALCIMLIFTVIYFSIWKGVKTSGKVVWVTATFPYIILSVLLVRGATLPGAWRGVLFYLKPNWQ
KLLETGVWIDAAAQIFFSLGPGFGVLLAFASYNKFNNNCYQDALVTSVVNCMTSFVSGFVIFTVLGYMAEMRNEDVSEVA
KDAGPSLLFITYAEAIANMPASTFFAIIFFLMLITLGLDSTFAGLEGVITAVLDEFPHVWAKRRERFVLAVVITCFFGSL
VTLTFGGAYVVKLLEEYATGPAVLTVALIEAVAVSWFYGITQFCRDVKEMLGFSPGWFWRICWVAISPLFLLFIICSFLM
SPPQLRLFQYNYPYWSIILGYCIGTSSFICIPTYIAYRLIITPGTFKERIIKSITPETP
;
A
2 'polypeptide(L)'
;QVQLQQSGPELVKLGASVRISCKASGYRFSYSWMNWVKQRPGKGLEWIGRIYPGDGDTKYSGKFKGKATLTADKSSSTVY
MQLSSLTSEDSAVYFCARSAYGSEGFAMDYWGQGTSVT
;
B
3 'polypeptide(L)'
;DIVLTQSPASLAVSLGQRATISCRASESVDNYGISFLNWFQQKPGQPPKLLIYAASNQGSGVPARFSGSGSGTYFSLNIH
PMEEDDTAVYFCQQTKGVSWTFGGGTKVEI
;
C
#
loop_
_chem_comp.id
_chem_comp.type
_chem_comp.name
_chem_comp.formula
CL non-polymer 'CHLORIDE ION' 'Cl -1'
D10 non-polymer DECANE 'C10 H22'
D12 non-polymer DODECANE 'C12 H26'
HP6 non-polymer HEPTANE 'C7 H16'
LNK non-polymer PENTANE 'C5 H12'
NAG D-saccharide, beta linking 2-acetamido-2-deoxy-beta-D-glucopyranose 'C8 H15 N O6'
R16 non-polymer HEXADECANE 'C16 H34'
#
# COMPACT_ATOMS: atom_id res chain seq x y z
N ARG A 1 41.67 -17.39 -17.47
CA ARG A 1 41.87 -17.87 -16.11
C ARG A 1 40.53 -18.02 -15.37
N GLU A 2 39.85 -16.89 -15.18
CA GLU A 2 38.56 -16.83 -14.51
C GLU A 2 38.65 -17.42 -13.10
N THR A 3 39.53 -16.84 -12.29
CA THR A 3 39.70 -17.30 -10.92
C THR A 3 38.51 -16.90 -10.04
N TRP A 4 37.94 -15.72 -10.30
CA TRP A 4 36.79 -15.21 -9.55
C TRP A 4 37.10 -15.09 -8.06
N GLY A 5 38.35 -14.74 -7.74
CA GLY A 5 38.72 -14.58 -6.35
C GLY A 5 37.98 -13.46 -5.65
N LYS A 6 37.68 -12.39 -6.37
CA LYS A 6 36.91 -11.29 -5.78
C LYS A 6 35.52 -11.77 -5.40
N LYS A 7 34.88 -12.56 -6.26
CA LYS A 7 33.59 -13.15 -5.92
C LYS A 7 33.73 -14.16 -4.81
N VAL A 8 34.90 -14.79 -4.67
CA VAL A 8 35.10 -15.81 -3.66
C VAL A 8 35.19 -15.19 -2.27
N ASP A 9 36.07 -14.21 -2.10
CA ASP A 9 36.33 -13.64 -0.78
C ASP A 9 35.53 -12.36 -0.57
N PHE A 10 35.02 -12.19 0.65
CA PHE A 10 34.41 -10.94 1.15
C PHE A 10 33.03 -10.70 0.56
N LEU A 11 32.64 -11.47 -0.46
CA LEU A 11 31.32 -11.26 -1.06
C LEU A 11 30.22 -11.85 -0.19
N LEU A 12 30.43 -13.05 0.36
CA LEU A 12 29.47 -13.65 1.27
C LEU A 12 29.29 -12.84 2.55
N SER A 13 30.22 -11.93 2.85
CA SER A 13 30.09 -11.05 4.00
C SER A 13 29.51 -9.69 3.66
N VAL A 14 29.82 -9.16 2.47
CA VAL A 14 29.25 -7.87 2.09
C VAL A 14 27.80 -8.01 1.64
N ILE A 15 27.43 -9.13 1.03
CA ILE A 15 26.08 -9.32 0.51
C ILE A 15 25.04 -9.35 1.63
N GLY A 16 25.48 -9.60 2.86
CA GLY A 16 24.55 -9.62 3.99
C GLY A 16 24.26 -8.27 4.60
N TYR A 17 24.92 -7.21 4.14
CA TYR A 17 24.74 -5.87 4.68
C TYR A 17 23.82 -5.01 3.83
N ALA A 18 24.02 -5.01 2.51
CA ALA A 18 23.23 -4.15 1.61
C ALA A 18 21.87 -4.78 1.31
N VAL A 19 21.02 -4.81 2.33
CA VAL A 19 19.66 -5.31 2.23
C VAL A 19 18.74 -4.29 2.89
N ASP A 20 18.19 -3.38 2.08
CA ASP A 20 17.29 -2.33 2.56
C ASP A 20 16.01 -2.37 1.72
N LEU A 21 15.05 -1.52 2.09
CA LEU A 21 13.82 -1.40 1.33
C LEU A 21 13.92 -0.42 0.17
N GLY A 22 14.95 0.41 0.15
CA GLY A 22 15.12 1.39 -0.91
C GLY A 22 15.54 0.82 -2.25
N ASN A 23 15.79 -0.48 -2.34
CA ASN A 23 16.20 -1.10 -3.59
C ASN A 23 15.22 -2.14 -4.11
N VAL A 24 14.33 -2.66 -3.26
CA VAL A 24 13.37 -3.68 -3.67
C VAL A 24 12.02 -3.03 -3.93
N TRP A 25 11.77 -1.89 -3.31
CA TRP A 25 10.52 -1.17 -3.44
C TRP A 25 10.67 0.24 -4.00
N ARG A 26 11.68 0.99 -3.55
CA ARG A 26 11.84 2.36 -4.01
C ARG A 26 12.41 2.41 -5.42
N PHE A 27 13.37 1.54 -5.74
CA PHE A 27 13.99 1.57 -7.07
C PHE A 27 13.01 1.15 -8.16
N PRO A 28 12.25 0.07 -8.04
CA PRO A 28 11.32 -0.29 -9.13
C PRO A 28 10.27 0.78 -9.41
N TYR A 29 9.71 1.39 -8.36
CA TYR A 29 8.70 2.42 -8.57
C TYR A 29 9.28 3.64 -9.27
N ILE A 30 10.47 4.09 -8.84
CA ILE A 30 11.09 5.24 -9.49
C ILE A 30 11.46 4.91 -10.93
N CYS A 31 11.93 3.68 -11.18
CA CYS A 31 12.34 3.31 -12.52
C CYS A 31 11.14 3.21 -13.46
N TYR A 32 10.01 2.70 -12.96
CA TYR A 32 8.82 2.58 -13.81
C TYR A 32 8.09 3.90 -13.97
N GLN A 33 8.22 4.81 -13.01
CA GLN A 33 7.57 6.12 -13.13
C GLN A 33 8.25 6.96 -14.20
N ASN A 34 9.54 6.73 -14.46
CA ASN A 34 10.30 7.48 -15.45
C ASN A 34 10.67 6.64 -16.66
N GLY A 35 10.16 5.42 -16.75
CA GLY A 35 10.46 4.56 -17.88
C GLY A 35 11.71 3.74 -17.70
N GLY A 36 11.61 2.44 -17.93
CA GLY A 36 12.77 1.57 -17.80
C GLY A 36 13.80 1.80 -18.88
N GLY A 37 15.03 1.43 -18.56
CA GLY A 37 16.14 1.61 -19.50
C GLY A 37 16.70 3.01 -19.57
N ALA A 38 15.85 4.01 -19.79
CA ALA A 38 16.29 5.39 -19.82
C ALA A 38 16.66 5.93 -18.44
N PHE A 39 16.46 5.13 -17.39
CA PHE A 39 16.79 5.55 -16.03
C PHE A 39 18.05 4.89 -15.49
N LEU A 40 18.43 3.71 -16.02
CA LEU A 40 19.59 3.00 -15.49
C LEU A 40 20.88 3.76 -15.75
N LEU A 41 21.05 4.30 -16.96
CA LEU A 41 22.28 5.02 -17.27
C LEU A 41 22.41 6.30 -16.45
N PRO A 42 21.41 7.18 -16.36
CA PRO A 42 21.56 8.33 -15.44
C PRO A 42 21.73 7.92 -13.99
N TYR A 43 21.07 6.83 -13.58
CA TYR A 43 21.24 6.35 -12.21
C TYR A 43 22.70 6.00 -11.93
N THR A 44 23.30 5.17 -12.77
CA THR A 44 24.68 4.75 -12.51
C THR A 44 25.65 5.91 -12.71
N ILE A 45 25.34 6.84 -13.61
CA ILE A 45 26.21 8.01 -13.79
C ILE A 45 26.22 8.86 -12.53
N MET A 46 25.03 9.21 -12.03
CA MET A 46 24.95 10.01 -10.81
C MET A 46 25.55 9.25 -9.63
N ALA A 47 25.40 7.92 -9.61
CA ALA A 47 26.01 7.12 -8.55
C ALA A 47 27.52 7.27 -8.56
N ILE A 48 28.15 6.86 -9.67
CA ILE A 48 29.61 6.93 -9.77
C ILE A 48 30.11 8.35 -9.57
N PHE A 49 29.28 9.35 -9.86
CA PHE A 49 29.73 10.73 -9.72
C PHE A 49 29.62 11.26 -8.29
N GLY A 50 28.59 10.91 -7.54
CA GLY A 50 28.39 11.53 -6.26
C GLY A 50 27.83 10.69 -5.13
N GLY A 51 27.92 9.37 -5.21
CA GLY A 51 27.41 8.54 -4.14
C GLY A 51 28.48 7.71 -3.45
N ILE A 52 29.50 7.31 -4.22
CA ILE A 52 30.62 6.53 -3.68
C ILE A 52 31.61 7.45 -2.98
N PRO A 53 32.00 8.60 -3.56
CA PRO A 53 32.90 9.50 -2.81
C PRO A 53 32.29 10.01 -1.52
N LEU A 54 31.00 10.37 -1.53
CA LEU A 54 30.36 10.83 -0.29
C LEU A 54 30.27 9.70 0.72
N PHE A 55 30.00 8.48 0.26
CA PHE A 55 29.97 7.33 1.16
C PHE A 55 31.32 7.13 1.83
N TYR A 56 32.40 7.17 1.02
CA TYR A 56 33.74 7.00 1.57
C TYR A 56 34.11 8.12 2.53
N MET A 57 33.72 9.35 2.20
CA MET A 57 34.01 10.48 3.08
C MET A 57 33.28 10.35 4.42
N GLU A 58 31.99 9.97 4.37
CA GLU A 58 31.24 9.79 5.60
C GLU A 58 31.81 8.65 6.44
N LEU A 59 32.22 7.55 5.78
CA LEU A 59 32.82 6.44 6.51
C LEU A 59 34.13 6.86 7.17
N ALA A 60 34.97 7.59 6.45
CA ALA A 60 36.23 8.05 7.03
C ALA A 60 35.99 9.00 8.19
N LEU A 61 35.02 9.90 8.06
CA LEU A 61 34.72 10.84 9.14
C LEU A 61 34.22 10.09 10.38
N GLY A 62 33.30 9.14 10.18
CA GLY A 62 32.80 8.36 11.31
C GLY A 62 33.85 7.50 11.96
N GLN A 63 34.82 7.01 11.17
CA GLN A 63 35.86 6.17 11.73
C GLN A 63 36.93 7.00 12.45
N TYR A 64 37.21 8.20 11.98
CA TYR A 64 38.26 9.04 12.58
C TYR A 64 37.74 9.85 13.77
N HIS A 65 36.71 10.68 13.54
CA HIS A 65 36.23 11.55 14.60
C HIS A 65 35.47 10.77 15.67
N ARG A 66 34.77 9.70 15.28
CA ARG A 66 34.02 8.85 16.20
C ARG A 66 33.00 9.67 17.02
N ASN A 67 32.06 10.27 16.29
CA ASN A 67 31.03 11.09 16.91
C ASN A 67 29.76 11.00 16.08
N GLY A 68 28.64 11.39 16.69
CA GLY A 68 27.37 11.38 16.01
C GLY A 68 27.21 12.57 15.08
N CYS A 69 26.13 12.52 14.29
CA CYS A 69 25.87 13.55 13.29
C CYS A 69 25.63 14.94 13.90
N ILE A 70 25.49 15.03 15.22
CA ILE A 70 25.31 16.31 15.89
C ILE A 70 26.64 16.73 16.50
N SER A 71 27.47 15.75 16.86
CA SER A 71 28.76 16.00 17.48
C SER A 71 29.92 15.95 16.48
N ILE A 72 29.65 15.61 15.23
CA ILE A 72 30.72 15.57 14.23
C ILE A 72 31.22 16.99 13.95
N TRP A 73 30.30 17.95 13.85
CA TRP A 73 30.67 19.33 13.53
C TRP A 73 31.38 20.05 14.67
N ARG A 74 31.54 19.41 15.83
CA ARG A 74 32.27 20.03 16.93
C ARG A 74 33.77 20.04 16.69
N LYS A 75 34.27 19.24 15.75
CA LYS A 75 35.69 19.21 15.41
C LYS A 75 35.96 19.59 13.97
N ILE A 76 34.93 19.88 13.17
CA ILE A 76 35.09 20.24 11.77
C ILE A 76 34.68 21.70 11.53
N CYS A 77 33.43 22.04 11.81
CA CYS A 77 32.94 23.40 11.61
C CYS A 77 31.81 23.70 12.60
N PRO A 78 32.05 24.54 13.60
CA PRO A 78 30.99 24.85 14.57
C PRO A 78 29.83 25.64 13.97
N ILE A 79 30.03 26.30 12.82
CA ILE A 79 28.95 27.08 12.22
C ILE A 79 27.88 26.15 11.65
N PHE A 80 28.30 25.13 10.91
CA PHE A 80 27.37 24.21 10.26
C PHE A 80 27.01 23.06 11.21
N LYS A 81 26.38 23.42 12.33
CA LYS A 81 25.92 22.45 13.30
C LYS A 81 24.45 22.10 13.15
N GLY A 82 23.67 22.94 12.48
CA GLY A 82 22.27 22.65 12.22
C GLY A 82 22.05 21.47 11.29
N ILE A 83 23.11 20.94 10.69
CA ILE A 83 22.98 19.74 9.86
C ILE A 83 22.49 18.56 10.68
N GLY A 84 22.88 18.49 11.96
CA GLY A 84 22.37 17.44 12.81
C GLY A 84 20.87 17.53 13.02
N TYR A 85 20.37 18.73 13.30
CA TYR A 85 18.94 18.92 13.46
C TYR A 85 18.20 18.65 12.15
N ALA A 86 18.79 19.03 11.02
CA ALA A 86 18.19 18.73 9.73
C ALA A 86 18.09 17.22 9.51
N ILE A 87 19.15 16.48 9.88
CA ILE A 87 19.14 15.03 9.73
C ILE A 87 18.08 14.42 10.65
N CYS A 88 17.94 14.95 11.87
CA CYS A 88 16.92 14.44 12.79
C CYS A 88 15.52 14.68 12.24
N ILE A 89 15.27 15.87 11.67
CA ILE A 89 13.95 16.15 11.11
C ILE A 89 13.69 15.27 9.89
N ILE A 90 14.71 15.04 9.07
CA ILE A 90 14.55 14.18 7.90
C ILE A 90 14.23 12.76 8.33
N ALA A 91 14.92 12.26 9.37
CA ALA A 91 14.64 10.92 9.87
C ALA A 91 13.26 10.83 10.50
N PHE A 92 12.81 11.90 11.16
CA PHE A 92 11.46 11.93 11.70
C PHE A 92 10.42 11.83 10.58
N TYR A 93 10.62 12.61 9.51
CA TYR A 93 9.72 12.53 8.37
C TYR A 93 9.74 11.13 7.74
N ILE A 94 10.93 10.54 7.65
CA ILE A 94 11.05 9.17 7.13
C ILE A 94 10.20 8.22 7.97
N ALA A 95 10.51 8.13 9.27
CA ALA A 95 9.77 7.23 10.15
C ALA A 95 8.29 7.55 10.21
N SER A 96 7.90 8.77 9.84
CA SER A 96 6.48 9.10 9.75
C SER A 96 5.85 8.55 8.48
N TYR A 97 6.59 8.54 7.37
CA TYR A 97 6.06 8.07 6.10
C TYR A 97 6.60 6.71 5.67
N TYR A 98 7.66 6.21 6.30
CA TYR A 98 8.22 4.93 5.90
C TYR A 98 7.50 3.75 6.51
N ASN A 99 6.88 3.92 7.69
CA ASN A 99 6.20 2.82 8.36
C ASN A 99 4.85 2.47 7.74
N THR A 100 4.34 3.30 6.84
CA THR A 100 3.06 3.00 6.19
C THR A 100 3.18 1.75 5.31
N ILE A 101 4.27 1.63 4.57
CA ILE A 101 4.48 0.45 3.74
C ILE A 101 4.61 -0.80 4.61
N MET A 102 5.27 -0.66 5.77
CA MET A 102 5.39 -1.78 6.69
C MET A 102 4.03 -2.20 7.23
N ALA A 103 3.18 -1.22 7.59
CA ALA A 103 1.85 -1.55 8.07
C ALA A 103 1.02 -2.22 6.99
N TRP A 104 1.13 -1.73 5.75
CA TRP A 104 0.42 -2.36 4.64
C TRP A 104 0.89 -3.79 4.41
N ALA A 105 2.20 -4.02 4.49
CA ALA A 105 2.73 -5.38 4.32
C ALA A 105 2.26 -6.30 5.44
N LEU A 106 2.22 -5.78 6.68
CA LEU A 106 1.74 -6.59 7.79
C LEU A 106 0.27 -6.93 7.64
N TYR A 107 -0.55 -5.96 7.19
CA TYR A 107 -1.95 -6.24 6.96
C TYR A 107 -2.14 -7.26 5.83
N TYR A 108 -1.32 -7.16 4.79
CA TYR A 108 -1.38 -8.14 3.71
C TYR A 108 -1.01 -9.53 4.20
N LEU A 109 0.03 -9.63 5.04
CA LEU A 109 0.42 -10.93 5.58
C LEU A 109 -0.68 -11.49 6.49
N ILE A 110 -1.36 -10.63 7.25
CA ILE A 110 -2.44 -11.09 8.11
C ILE A 110 -3.61 -11.58 7.26
N SER A 111 -3.97 -10.85 6.21
CA SER A 111 -5.07 -11.23 5.35
C SER A 111 -4.73 -12.37 4.42
N SER A 112 -3.46 -12.75 4.30
CA SER A 112 -3.03 -13.84 3.43
C SER A 112 -2.88 -15.15 4.18
N PHE A 113 -3.70 -15.38 5.21
CA PHE A 113 -3.64 -16.61 5.99
C PHE A 113 -4.63 -17.67 5.53
N THR A 114 -5.66 -17.29 4.79
CA THR A 114 -6.66 -18.23 4.32
C THR A 114 -6.11 -19.06 3.16
N ASP A 115 -6.78 -20.18 2.89
CA ASP A 115 -6.37 -21.05 1.79
C ASP A 115 -6.64 -20.42 0.43
N GLN A 116 -7.65 -19.55 0.34
CA GLN A 116 -7.97 -18.86 -0.90
C GLN A 116 -7.46 -17.44 -0.82
N LEU A 117 -6.52 -17.09 -1.70
CA LEU A 117 -5.94 -15.76 -1.69
C LEU A 117 -6.95 -14.75 -2.21
N PRO A 118 -7.14 -13.62 -1.51
CA PRO A 118 -8.12 -12.63 -1.96
C PRO A 118 -7.71 -11.90 -3.24
N TRP A 119 -6.45 -11.99 -3.65
CA TRP A 119 -5.97 -11.29 -4.83
C TRP A 119 -6.14 -12.08 -6.11
N THR A 120 -6.75 -13.27 -6.06
CA THR A 120 -6.99 -14.04 -7.26
C THR A 120 -8.27 -13.61 -7.95
N SER A 121 -9.38 -13.51 -7.20
CA SER A 121 -10.65 -13.10 -7.75
C SER A 121 -11.25 -12.02 -6.86
N CYS A 122 -12.26 -11.34 -7.40
CA CYS A 122 -12.97 -10.27 -6.70
C CYS A 122 -14.47 -10.52 -6.76
N LYS A 123 -14.87 -11.76 -6.45
CA LYS A 123 -16.28 -12.17 -6.54
C LYS A 123 -17.07 -11.66 -5.33
N ASN A 124 -17.08 -10.33 -5.19
CA ASN A 124 -17.83 -9.64 -4.14
C ASN A 124 -17.43 -10.17 -2.75
N SER A 125 -16.12 -10.20 -2.51
CA SER A 125 -15.61 -10.63 -1.22
C SER A 125 -16.06 -9.66 -0.12
N TRP A 126 -15.58 -8.41 -0.20
CA TRP A 126 -16.00 -7.36 0.72
C TRP A 126 -16.66 -6.19 0.01
N ASN A 127 -15.98 -5.60 -0.98
CA ASN A 127 -16.53 -4.46 -1.71
C ASN A 127 -15.81 -4.40 -3.05
N THR A 128 -16.52 -4.75 -4.13
CA THR A 128 -15.92 -4.79 -5.46
C THR A 128 -16.88 -4.12 -6.45
N GLY A 129 -16.51 -4.17 -7.72
CA GLY A 129 -17.32 -3.59 -8.78
C GLY A 129 -16.52 -3.35 -10.05
N ASN A 130 -17.14 -3.65 -11.20
CA ASN A 130 -16.48 -3.52 -12.50
C ASN A 130 -15.18 -4.31 -12.53
N CYS A 131 -15.31 -5.62 -12.36
CA CYS A 131 -14.17 -6.52 -12.25
C CYS A 131 -13.90 -7.21 -13.58
N THR A 132 -12.64 -7.65 -13.74
CA THR A 132 -12.23 -8.41 -14.92
C THR A 132 -11.12 -9.34 -14.46
N ASN A 133 -11.46 -10.60 -14.17
CA ASN A 133 -10.51 -11.57 -13.64
C ASN A 133 -9.95 -12.48 -14.72
N TYR A 134 -10.82 -13.00 -15.59
CA TYR A 134 -10.41 -13.94 -16.62
C TYR A 134 -9.58 -13.21 -17.67
N PHE A 135 -8.27 -13.36 -17.62
CA PHE A 135 -7.39 -12.67 -18.55
C PHE A 135 -7.30 -13.40 -19.88
N SER A 136 -6.78 -14.63 -19.87
CA SER A 136 -6.63 -15.41 -21.09
C SER A 136 -7.07 -16.85 -20.96
N GLU A 137 -7.37 -17.34 -19.76
CA GLU A 137 -7.83 -18.72 -19.62
C GLU A 137 -9.21 -18.91 -20.24
N ASP A 138 -10.06 -17.89 -20.17
CA ASP A 138 -11.36 -17.91 -20.81
C ASP A 138 -11.38 -17.17 -22.14
N ASN A 139 -10.30 -16.47 -22.49
CA ASN A 139 -10.17 -15.77 -23.77
C ASN A 139 -11.28 -14.74 -23.95
N ILE A 140 -11.36 -13.79 -23.03
CA ILE A 140 -12.32 -12.71 -23.10
C ILE A 140 -11.58 -11.43 -23.48
N THR A 141 -12.31 -10.48 -24.07
CA THR A 141 -11.71 -9.23 -24.49
C THR A 141 -11.52 -8.29 -23.31
N TRP A 142 -10.63 -7.31 -23.49
CA TRP A 142 -10.34 -6.30 -22.49
C TRP A 142 -10.84 -4.96 -22.98
N THR A 143 -11.59 -4.26 -22.14
CA THR A 143 -12.16 -2.96 -22.48
C THR A 143 -11.62 -1.90 -21.52
N LEU A 144 -11.98 -0.64 -21.79
CA LEU A 144 -11.55 0.46 -20.96
C LEU A 144 -12.27 0.43 -19.62
N HIS A 145 -11.69 1.13 -18.63
CA HIS A 145 -12.23 1.22 -17.28
C HIS A 145 -12.31 -0.16 -16.61
N SER A 146 -11.40 -1.06 -16.98
CA SER A 146 -11.33 -2.39 -16.40
C SER A 146 -10.08 -2.49 -15.53
N THR A 147 -10.24 -3.08 -14.34
CA THR A 147 -9.16 -3.22 -13.39
C THR A 147 -9.07 -4.66 -12.92
N SER A 148 -7.85 -5.14 -12.70
CA SER A 148 -7.63 -6.48 -12.21
C SER A 148 -8.06 -6.57 -10.74
N PRO A 149 -8.33 -7.79 -10.25
CA PRO A 149 -8.76 -7.92 -8.84
C PRO A 149 -7.73 -7.41 -7.85
N ALA A 150 -6.44 -7.46 -8.20
CA ALA A 150 -5.40 -7.00 -7.27
C ALA A 150 -5.50 -5.51 -7.01
N GLU A 151 -5.68 -4.72 -8.06
CA GLU A 151 -5.78 -3.27 -7.90
C GLU A 151 -7.04 -2.90 -7.12
N GLU A 152 -8.16 -3.56 -7.42
CA GLU A 152 -9.39 -3.29 -6.69
C GLU A 152 -9.24 -3.66 -5.21
N PHE A 153 -8.60 -4.79 -4.93
CA PHE A 153 -8.33 -5.16 -3.54
C PHE A 153 -7.49 -4.11 -2.83
N TYR A 154 -6.36 -3.74 -3.44
CA TYR A 154 -5.47 -2.76 -2.82
C TYR A 154 -6.16 -1.41 -2.63
N THR A 155 -7.11 -1.06 -3.51
CA THR A 155 -7.74 0.24 -3.44
C THR A 155 -8.99 0.25 -2.56
N ARG A 156 -9.56 -0.92 -2.23
CA ARG A 156 -10.81 -0.95 -1.49
C ARG A 156 -10.75 -1.69 -0.17
N HIS A 157 -9.69 -2.42 0.13
CA HIS A 157 -9.61 -3.14 1.41
C HIS A 157 -8.44 -2.67 2.27
N VAL A 158 -7.22 -2.65 1.74
CA VAL A 158 -6.07 -2.29 2.56
C VAL A 158 -5.91 -0.78 2.66
N LEU A 159 -6.35 -0.03 1.63
CA LEU A 159 -6.28 1.43 1.63
C LEU A 159 -7.59 1.96 1.04
N GLN A 160 -8.56 2.23 1.91
CA GLN A 160 -9.86 2.72 1.47
C GLN A 160 -9.72 4.17 1.03
N ILE A 161 -9.57 4.38 -0.28
CA ILE A 161 -9.41 5.73 -0.81
C ILE A 161 -10.71 6.31 -1.36
N HIS A 162 -11.74 5.48 -1.57
CA HIS A 162 -13.02 5.98 -2.05
C HIS A 162 -13.76 6.80 -1.01
N ARG A 163 -13.38 6.68 0.28
CA ARG A 163 -14.03 7.47 1.32
C ARG A 163 -13.63 8.94 1.24
N SER A 164 -12.43 9.22 0.75
CA SER A 164 -11.92 10.59 0.65
C SER A 164 -11.91 11.01 -0.81
N LYS A 165 -12.50 12.17 -1.09
CA LYS A 165 -12.54 12.71 -2.44
C LYS A 165 -11.23 13.32 -2.89
N GLY A 166 -10.24 13.42 -2.01
CA GLY A 166 -8.97 14.00 -2.36
C GLY A 166 -8.16 14.32 -1.12
N LEU A 167 -7.03 15.00 -1.34
CA LEU A 167 -6.17 15.40 -0.24
C LEU A 167 -6.80 16.50 0.61
N GLN A 168 -7.64 17.35 0.00
CA GLN A 168 -8.28 18.44 0.72
C GLN A 168 -9.37 17.97 1.67
N ASP A 169 -9.82 16.72 1.56
CA ASP A 169 -10.88 16.19 2.42
C ASP A 169 -10.42 14.81 2.91
N LEU A 170 -9.95 14.75 4.15
CA LEU A 170 -9.49 13.51 4.75
C LEU A 170 -10.55 12.95 5.67
N GLY A 171 -10.77 11.64 5.57
CA GLY A 171 -11.79 10.96 6.37
C GLY A 171 -11.29 10.59 7.75
N GLY A 172 -11.79 9.47 8.26
CA GLY A 172 -11.44 8.99 9.57
C GLY A 172 -10.13 8.23 9.59
N ILE A 173 -9.96 7.39 10.60
CA ILE A 173 -8.75 6.60 10.79
C ILE A 173 -9.15 5.13 10.82
N SER A 174 -8.57 4.33 9.92
CA SER A 174 -8.87 2.91 9.85
C SER A 174 -8.15 2.18 10.98
N TRP A 175 -8.93 1.56 11.87
CA TRP A 175 -8.34 0.83 12.98
C TRP A 175 -7.63 -0.45 12.51
N GLN A 176 -8.05 -0.99 11.36
CA GLN A 176 -7.43 -2.21 10.84
C GLN A 176 -5.96 -2.01 10.51
N LEU A 177 -5.52 -0.79 10.24
CA LEU A 177 -4.11 -0.49 10.04
C LEU A 177 -3.44 0.05 11.28
N ALA A 178 -4.19 0.73 12.16
CA ALA A 178 -3.62 1.22 13.41
C ALA A 178 -3.24 0.06 14.33
N LEU A 179 -4.05 -1.00 14.35
CA LEU A 179 -3.75 -2.15 15.21
C LEU A 179 -2.46 -2.85 14.77
N CYS A 180 -2.10 -2.74 13.49
CA CYS A 180 -0.85 -3.30 13.00
C CYS A 180 0.32 -2.35 13.17
N ILE A 181 0.11 -1.05 12.97
CA ILE A 181 1.20 -0.10 13.14
C ILE A 181 1.58 0.00 14.61
N MET A 182 0.63 -0.22 15.52
CA MET A 182 0.97 -0.23 16.95
C MET A 182 1.87 -1.41 17.29
N LEU A 183 1.55 -2.59 16.75
CA LEU A 183 2.41 -3.75 16.96
C LEU A 183 3.78 -3.55 16.33
N ILE A 184 3.82 -2.90 15.16
CA ILE A 184 5.10 -2.62 14.51
C ILE A 184 5.95 -1.70 15.38
N PHE A 185 5.33 -0.63 15.91
CA PHE A 185 6.06 0.28 16.78
C PHE A 185 6.49 -0.39 18.07
N THR A 186 5.69 -1.30 18.59
CA THR A 186 6.07 -2.03 19.80
C THR A 186 7.25 -2.95 19.55
N VAL A 187 7.25 -3.64 18.41
CA VAL A 187 8.38 -4.50 18.05
C VAL A 187 9.64 -3.66 17.84
N ILE A 188 9.49 -2.49 17.22
CA ILE A 188 10.64 -1.61 17.01
C ILE A 188 11.19 -1.12 18.34
N TYR A 189 10.30 -0.75 19.27
CA TYR A 189 10.75 -0.27 20.57
C TYR A 189 11.41 -1.38 21.38
N PHE A 190 10.98 -2.63 21.21
CA PHE A 190 11.56 -3.76 21.92
C PHE A 190 12.87 -4.23 21.32
N SER A 191 13.28 -3.69 20.18
CA SER A 191 14.54 -4.07 19.56
C SER A 191 15.66 -3.06 19.82
N ILE A 192 15.34 -1.78 19.91
CA ILE A 192 16.32 -0.75 20.22
C ILE A 192 16.25 -0.31 21.69
N TRP A 193 15.71 -1.17 22.55
CA TRP A 193 15.58 -0.82 23.97
C TRP A 193 16.95 -0.66 24.61
N LYS A 194 17.96 -1.39 24.14
CA LYS A 194 19.32 -1.28 24.65
C LYS A 194 20.31 -0.73 23.64
N GLY A 195 20.16 -1.05 22.36
CA GLY A 195 21.06 -0.53 21.34
C GLY A 195 22.41 -1.19 21.30
N VAL A 196 22.46 -2.51 21.45
CA VAL A 196 23.71 -3.27 21.43
C VAL A 196 23.56 -4.29 20.30
N LYS A 197 24.05 -3.95 19.11
CA LYS A 197 24.02 -4.86 17.98
C LYS A 197 25.16 -4.46 17.03
N THR A 198 26.26 -5.20 17.09
CA THR A 198 27.41 -4.95 16.24
C THR A 198 27.68 -6.11 15.29
N SER A 199 27.83 -7.33 15.80
CA SER A 199 28.10 -8.51 14.98
C SER A 199 27.25 -9.67 15.44
N GLY A 200 25.97 -9.43 15.68
CA GLY A 200 25.08 -10.48 16.14
C GLY A 200 24.86 -11.55 15.07
N LYS A 201 24.40 -12.72 15.53
CA LYS A 201 24.17 -13.85 14.66
C LYS A 201 22.82 -13.78 13.94
N VAL A 202 22.04 -12.71 14.14
CA VAL A 202 20.74 -12.63 13.49
C VAL A 202 20.86 -12.27 12.01
N VAL A 203 22.00 -11.70 11.59
CA VAL A 203 22.15 -11.35 10.18
C VAL A 203 22.24 -12.60 9.32
N TRP A 204 22.96 -13.62 9.79
CA TRP A 204 23.12 -14.86 9.02
C TRP A 204 21.83 -15.66 8.94
N VAL A 205 20.80 -15.29 9.70
CA VAL A 205 19.52 -15.97 9.62
C VAL A 205 18.42 -15.11 9.00
N THR A 206 18.58 -13.79 8.98
CA THR A 206 17.61 -12.89 8.36
C THR A 206 18.10 -12.32 7.03
N ALA A 207 19.27 -12.72 6.55
CA ALA A 207 19.75 -12.29 5.24
C ALA A 207 19.97 -13.44 4.26
N THR A 208 19.82 -14.69 4.68
CA THR A 208 20.01 -15.83 3.79
C THR A 208 18.72 -16.25 3.10
N PHE A 209 17.60 -16.20 3.80
CA PHE A 209 16.30 -16.57 3.24
C PHE A 209 15.79 -15.52 2.24
N PRO A 210 15.96 -14.21 2.50
CA PRO A 210 15.54 -13.23 1.48
C PRO A 210 16.18 -13.44 0.12
N TYR A 211 17.48 -13.74 0.06
CA TYR A 211 18.13 -13.89 -1.23
C TYR A 211 17.64 -15.12 -1.98
N ILE A 212 17.49 -16.25 -1.28
CA ILE A 212 17.04 -17.46 -1.96
C ILE A 212 15.58 -17.32 -2.40
N ILE A 213 14.74 -16.67 -1.59
CA ILE A 213 13.36 -16.48 -2.00
C ILE A 213 13.26 -15.47 -3.15
N LEU A 214 14.16 -14.48 -3.20
CA LEU A 214 14.19 -13.56 -4.32
C LEU A 214 14.63 -14.26 -5.60
N SER A 215 15.60 -15.17 -5.51
CA SER A 215 16.00 -15.95 -6.68
C SER A 215 14.87 -16.89 -7.13
N VAL A 216 14.13 -17.45 -6.17
CA VAL A 216 12.98 -18.29 -6.53
C VAL A 216 11.93 -17.47 -7.27
N LEU A 217 11.63 -16.28 -6.76
CA LEU A 217 10.69 -15.39 -7.45
C LEU A 217 11.20 -15.00 -8.82
N LEU A 218 12.50 -14.78 -8.96
CA LEU A 218 13.07 -14.41 -10.25
C LEU A 218 12.92 -15.55 -11.26
N VAL A 219 13.25 -16.77 -10.87
CA VAL A 219 13.12 -17.89 -11.80
C VAL A 219 11.66 -18.19 -12.08
N ARG A 220 10.77 -17.91 -11.14
CA ARG A 220 9.34 -18.10 -11.39
C ARG A 220 8.82 -17.08 -12.40
N GLY A 221 9.27 -15.83 -12.28
CA GLY A 221 8.88 -14.82 -13.26
C GLY A 221 9.50 -15.07 -14.62
N ALA A 222 10.70 -15.65 -14.65
CA ALA A 222 11.34 -15.97 -15.92
C ALA A 222 10.69 -17.17 -16.58
N THR A 223 10.16 -18.11 -15.80
CA THR A 223 9.49 -19.28 -16.34
C THR A 223 8.03 -18.98 -16.71
N LEU A 224 7.62 -17.72 -16.63
CA LEU A 224 6.28 -17.24 -16.91
C LEU A 224 6.20 -16.67 -18.32
N PRO A 225 5.20 -17.08 -19.11
CA PRO A 225 5.09 -16.57 -20.48
C PRO A 225 4.86 -15.06 -20.50
N GLY A 226 5.35 -14.43 -21.57
CA GLY A 226 5.24 -12.99 -21.70
C GLY A 226 6.33 -12.21 -21.00
N ALA A 227 7.45 -12.85 -20.65
CA ALA A 227 8.51 -12.17 -19.92
C ALA A 227 9.49 -11.44 -20.83
N TRP A 228 9.62 -11.85 -22.08
CA TRP A 228 10.58 -11.22 -22.97
C TRP A 228 10.15 -9.81 -23.37
N ARG A 229 8.85 -9.53 -23.36
CA ARG A 229 8.37 -8.21 -23.73
C ARG A 229 8.70 -7.15 -22.68
N GLY A 230 8.99 -7.57 -21.45
CA GLY A 230 9.34 -6.62 -20.41
C GLY A 230 10.83 -6.37 -20.31
N VAL A 231 11.62 -7.32 -20.80
CA VAL A 231 13.08 -7.17 -20.75
C VAL A 231 13.53 -6.07 -21.71
N LEU A 232 12.91 -5.99 -22.89
CA LEU A 232 13.29 -4.97 -23.86
C LEU A 232 12.95 -3.57 -23.37
N PHE A 233 11.88 -3.43 -22.58
CA PHE A 233 11.52 -2.13 -22.03
C PHE A 233 12.45 -1.71 -20.90
N TYR A 234 13.10 -2.65 -20.23
CA TYR A 234 14.02 -2.35 -19.15
C TYR A 234 15.45 -2.10 -19.63
N LEU A 235 15.76 -2.46 -20.89
CA LEU A 235 17.09 -2.29 -21.44
C LEU A 235 17.07 -1.42 -22.70
N LYS A 236 16.15 -0.46 -22.75
CA LYS A 236 16.07 0.45 -23.90
C LYS A 236 16.86 1.72 -23.62
N PRO A 237 17.78 2.12 -24.50
CA PRO A 237 18.59 3.33 -24.24
C PRO A 237 17.74 4.58 -24.05
N ASN A 238 16.95 4.92 -25.06
CA ASN A 238 16.04 6.07 -25.02
C ASN A 238 16.80 7.35 -24.66
N TRP A 239 17.72 7.73 -25.56
CA TRP A 239 18.54 8.92 -25.35
C TRP A 239 17.72 10.21 -25.35
N GLN A 240 16.46 10.17 -25.79
CA GLN A 240 15.65 11.37 -25.81
C GLN A 240 15.31 11.84 -24.40
N LYS A 241 14.93 10.90 -23.52
CA LYS A 241 14.54 11.25 -22.17
C LYS A 241 15.71 11.65 -21.28
N LEU A 242 16.94 11.52 -21.77
CA LEU A 242 18.09 11.92 -20.96
C LEU A 242 18.40 13.41 -21.12
N LEU A 243 18.19 13.94 -22.32
CA LEU A 243 18.62 15.29 -22.67
C LEU A 243 17.94 16.38 -21.83
N GLU A 244 16.62 16.52 -21.96
CA GLU A 244 15.89 17.65 -21.40
C GLU A 244 14.58 17.20 -20.76
N THR A 245 14.64 16.17 -19.93
CA THR A 245 13.47 15.70 -19.19
C THR A 245 13.53 16.03 -17.70
N GLY A 246 14.66 15.80 -17.05
CA GLY A 246 14.78 16.08 -15.63
C GLY A 246 14.69 14.84 -14.76
N VAL A 247 15.33 13.75 -15.20
CA VAL A 247 15.33 12.50 -14.44
C VAL A 247 16.45 12.45 -13.40
N TRP A 248 17.35 13.42 -13.40
CA TRP A 248 18.48 13.37 -12.47
C TRP A 248 18.05 13.55 -11.03
N ILE A 249 16.94 14.27 -10.78
CA ILE A 249 16.49 14.50 -9.42
C ILE A 249 16.02 13.20 -8.78
N ASP A 250 15.20 12.43 -9.50
CA ASP A 250 14.72 11.15 -8.96
C ASP A 250 15.88 10.16 -8.77
N ALA A 251 16.83 10.16 -9.71
CA ALA A 251 17.98 9.28 -9.58
C ALA A 251 18.82 9.64 -8.37
N ALA A 252 19.06 10.92 -8.15
CA ALA A 252 19.83 11.35 -6.99
C ALA A 252 19.10 11.03 -5.69
N ALA A 253 17.77 11.21 -5.68
CA ALA A 253 16.99 10.88 -4.50
C ALA A 253 17.07 9.39 -4.19
N GLN A 254 16.92 8.55 -5.21
CA GLN A 254 17.02 7.11 -5.01
C GLN A 254 18.41 6.71 -4.53
N ILE A 255 19.45 7.36 -5.07
CA ILE A 255 20.81 7.02 -4.67
C ILE A 255 21.04 7.41 -3.21
N PHE A 256 20.64 8.61 -2.82
CA PHE A 256 20.84 9.06 -1.45
C PHE A 256 19.94 8.33 -0.46
N PHE A 257 18.84 7.75 -0.92
CA PHE A 257 17.97 6.97 -0.05
C PHE A 257 18.43 5.53 0.11
N SER A 258 18.98 4.93 -0.94
CA SER A 258 19.39 3.53 -0.89
C SER A 258 20.80 3.35 -0.33
N LEU A 259 21.71 4.30 -0.60
CA LEU A 259 23.09 4.14 -0.17
C LEU A 259 23.21 4.36 1.34
N GLY A 260 22.75 5.50 1.84
CA GLY A 260 22.88 5.81 3.24
C GLY A 260 23.33 7.23 3.59
N PRO A 261 24.22 7.83 2.79
CA PRO A 261 24.58 9.22 3.05
C PRO A 261 23.39 10.16 2.92
N GLY A 262 23.23 11.05 3.90
CA GLY A 262 22.13 11.99 3.94
C GLY A 262 21.28 11.86 5.19
N PHE A 263 21.14 10.64 5.71
CA PHE A 263 20.34 10.38 6.91
C PHE A 263 21.19 10.21 8.15
N GLY A 264 22.51 10.41 8.06
CA GLY A 264 23.37 10.27 9.21
C GLY A 264 23.50 8.87 9.75
N VAL A 265 23.16 7.86 8.95
CA VAL A 265 23.25 6.49 9.43
C VAL A 265 24.69 5.99 9.44
N LEU A 266 25.50 6.42 8.47
CA LEU A 266 26.88 5.95 8.39
C LEU A 266 27.72 6.51 9.53
N LEU A 267 27.64 7.83 9.76
CA LEU A 267 28.44 8.45 10.80
C LEU A 267 28.05 7.98 12.20
N ALA A 268 26.84 7.45 12.36
CA ALA A 268 26.39 6.94 13.66
C ALA A 268 26.70 5.46 13.85
N PHE A 269 26.60 4.67 12.78
CA PHE A 269 26.83 3.24 12.87
C PHE A 269 28.30 2.86 12.69
N ALA A 270 29.14 3.74 12.17
CA ALA A 270 30.54 3.44 11.93
C ALA A 270 31.47 4.04 12.97
N SER A 271 30.94 4.78 13.94
CA SER A 271 31.77 5.42 14.97
C SER A 271 31.92 4.53 16.20
N TYR A 272 32.27 3.26 15.99
CA TYR A 272 32.56 2.30 17.04
C TYR A 272 32.99 1.00 16.39
N ASN A 273 33.72 0.19 17.16
CA ASN A 273 34.06 -1.19 16.79
C ASN A 273 34.93 -1.27 15.54
N LYS A 274 35.34 -0.12 15.01
CA LYS A 274 36.18 -0.12 13.81
C LYS A 274 37.09 1.11 13.83
N PHE A 275 38.38 0.87 13.60
CA PHE A 275 39.36 1.96 13.52
C PHE A 275 40.57 1.44 12.75
N ASN A 276 40.77 1.96 11.53
CA ASN A 276 41.89 1.57 10.67
C ASN A 276 41.88 0.05 10.45
N ASN A 277 40.81 -0.42 9.80
CA ASN A 277 40.64 -1.84 9.49
C ASN A 277 40.28 -1.97 8.01
N ASN A 278 41.30 -1.99 7.16
CA ASN A 278 41.16 -2.19 5.71
C ASN A 278 40.12 -1.25 5.11
N CYS A 279 40.40 0.04 5.21
CA CYS A 279 39.52 1.04 4.61
C CYS A 279 39.71 1.08 3.10
N TYR A 280 38.81 1.80 2.43
CA TYR A 280 38.77 1.99 0.98
C TYR A 280 38.41 0.71 0.23
N GLN A 281 38.23 -0.41 0.93
CA GLN A 281 37.87 -1.68 0.30
C GLN A 281 36.51 -2.20 0.74
N ASP A 282 35.74 -1.40 1.47
CA ASP A 282 34.42 -1.80 1.96
C ASP A 282 33.29 -0.99 1.35
N ALA A 283 33.45 0.33 1.23
CA ALA A 283 32.37 1.18 0.73
C ALA A 283 32.07 0.86 -0.73
N LEU A 284 33.12 0.69 -1.55
CA LEU A 284 32.90 0.39 -2.96
C LEU A 284 32.20 -0.96 -3.13
N VAL A 285 32.61 -1.97 -2.37
CA VAL A 285 31.99 -3.29 -2.48
C VAL A 285 30.55 -3.25 -2.01
N THR A 286 30.28 -2.50 -0.93
CA THR A 286 28.91 -2.37 -0.45
C THR A 286 28.03 -1.67 -1.48
N SER A 287 28.55 -0.61 -2.11
CA SER A 287 27.77 0.08 -3.15
C SER A 287 27.54 -0.82 -4.35
N VAL A 288 28.54 -1.62 -4.73
CA VAL A 288 28.37 -2.53 -5.86
C VAL A 288 27.31 -3.58 -5.55
N VAL A 289 27.35 -4.15 -4.34
CA VAL A 289 26.37 -5.16 -3.97
C VAL A 289 24.97 -4.55 -3.91
N ASN A 290 24.85 -3.33 -3.39
CA ASN A 290 23.55 -2.68 -3.33
C ASN A 290 23.02 -2.40 -4.73
N CYS A 291 23.89 -1.95 -5.64
CA CYS A 291 23.45 -1.71 -7.02
C CYS A 291 23.05 -3.00 -7.71
N MET A 292 23.76 -4.09 -7.44
CA MET A 292 23.39 -5.38 -8.03
C MET A 292 22.05 -5.87 -7.50
N THR A 293 21.82 -5.73 -6.20
CA THR A 293 20.52 -6.13 -5.64
C THR A 293 19.39 -5.27 -6.20
N SER A 294 19.63 -3.97 -6.33
CA SER A 294 18.63 -3.08 -6.93
C SER A 294 18.34 -3.46 -8.37
N PHE A 295 19.38 -3.78 -9.14
CA PHE A 295 19.19 -4.18 -10.53
C PHE A 295 18.42 -5.49 -10.63
N VAL A 296 18.70 -6.43 -9.74
CA VAL A 296 17.97 -7.70 -9.74
C VAL A 296 16.50 -7.47 -9.41
N SER A 297 16.24 -6.63 -8.41
CA SER A 297 14.84 -6.33 -8.04
C SER A 297 14.12 -5.65 -9.19
N GLY A 298 14.76 -4.67 -9.82
CA GLY A 298 14.13 -4.00 -10.96
C GLY A 298 13.89 -4.95 -12.11
N PHE A 299 14.83 -5.88 -12.35
CA PHE A 299 14.64 -6.86 -13.41
C PHE A 299 13.46 -7.77 -13.12
N VAL A 300 13.31 -8.21 -11.88
CA VAL A 300 12.17 -9.04 -11.51
C VAL A 300 10.86 -8.27 -11.68
N ILE A 301 10.84 -7.01 -11.24
CA ILE A 301 9.64 -6.20 -11.33
C ILE A 301 9.25 -5.97 -12.78
N PHE A 302 10.23 -5.68 -13.64
CA PHE A 302 9.93 -5.46 -15.04
C PHE A 302 9.57 -6.76 -15.76
N THR A 303 10.12 -7.89 -15.31
CA THR A 303 9.72 -9.18 -15.87
C THR A 303 8.26 -9.48 -15.55
N VAL A 304 7.82 -9.15 -14.34
CA VAL A 304 6.41 -9.32 -14.01
C VAL A 304 5.54 -8.32 -14.77
N LEU A 305 6.02 -7.08 -14.92
CA LEU A 305 5.24 -6.07 -15.63
C LEU A 305 5.08 -6.40 -17.11
N GLY A 306 6.10 -7.03 -17.70
CA GLY A 306 5.98 -7.46 -19.09
C GLY A 306 4.89 -8.49 -19.29
N TYR A 307 4.81 -9.47 -18.39
CA TYR A 307 3.73 -10.45 -18.46
C TYR A 307 2.38 -9.80 -18.21
N MET A 308 2.32 -8.86 -17.26
CA MET A 308 1.06 -8.16 -17.00
C MET A 308 0.60 -7.36 -18.20
N ALA A 309 1.54 -6.76 -18.93
CA ALA A 309 1.17 -6.00 -20.13
C ALA A 309 0.81 -6.91 -21.29
N GLU A 310 1.49 -8.06 -21.41
CA GLU A 310 1.15 -9.01 -22.47
C GLU A 310 -0.22 -9.63 -22.24
N MET A 311 -0.61 -9.83 -20.98
CA MET A 311 -1.93 -10.38 -20.71
C MET A 311 -3.03 -9.37 -21.04
N ARG A 312 -2.80 -8.10 -20.71
CA ARG A 312 -3.77 -7.04 -20.99
C ARG A 312 -3.74 -6.57 -22.43
N ASN A 313 -2.73 -6.97 -23.21
CA ASN A 313 -2.58 -6.57 -24.61
C ASN A 313 -2.54 -5.04 -24.76
N GLU A 314 -1.82 -4.39 -23.84
CA GLU A 314 -1.67 -2.95 -23.84
C GLU A 314 -0.18 -2.59 -23.78
N ASP A 315 0.10 -1.30 -23.70
CA ASP A 315 1.48 -0.84 -23.64
C ASP A 315 2.09 -1.16 -22.28
N VAL A 316 3.43 -1.26 -22.26
CA VAL A 316 4.12 -1.57 -21.02
C VAL A 316 4.08 -0.37 -20.07
N SER A 317 4.24 0.84 -20.60
CA SER A 317 4.21 2.05 -19.79
C SER A 317 2.80 2.57 -19.54
N GLU A 318 1.77 1.79 -19.87
CA GLU A 318 0.39 2.20 -19.68
C GLU A 318 -0.37 1.30 -18.71
N VAL A 319 0.26 0.26 -18.19
CA VAL A 319 -0.42 -0.63 -17.24
C VAL A 319 -0.67 0.11 -15.93
N ALA A 320 0.38 0.62 -15.31
CA ALA A 320 0.29 1.40 -14.07
C ALA A 320 0.68 2.84 -14.42
N LYS A 321 -0.32 3.61 -14.88
CA LYS A 321 -0.06 4.99 -15.29
C LYS A 321 0.07 5.91 -14.08
N ASP A 322 -0.95 5.94 -13.22
CA ASP A 322 -0.96 6.81 -12.06
C ASP A 322 -0.63 6.08 -10.76
N ALA A 323 -0.28 4.80 -10.84
CA ALA A 323 0.07 4.04 -9.64
C ALA A 323 1.45 4.44 -9.14
N GLY A 324 1.53 4.84 -7.87
CA GLY A 324 2.77 5.25 -7.28
C GLY A 324 3.47 4.11 -6.55
N PRO A 325 3.55 4.20 -5.23
CA PRO A 325 4.19 3.14 -4.44
C PRO A 325 3.42 1.83 -4.43
N SER A 326 2.28 1.74 -5.12
CA SER A 326 1.49 0.53 -5.19
C SER A 326 1.98 -0.43 -6.26
N LEU A 327 3.14 -0.16 -6.87
CA LEU A 327 3.65 -1.05 -7.91
C LEU A 327 4.04 -2.41 -7.36
N LEU A 328 4.45 -2.47 -6.10
CA LEU A 328 4.85 -3.75 -5.51
C LEU A 328 3.63 -4.63 -5.22
N PHE A 329 2.69 -4.10 -4.43
CA PHE A 329 1.53 -4.86 -3.97
C PHE A 329 0.57 -5.25 -5.10
N ILE A 330 0.84 -4.85 -6.34
CA ILE A 330 0.03 -5.25 -7.49
C ILE A 330 0.74 -6.27 -8.35
N THR A 331 1.94 -5.93 -8.84
CA THR A 331 2.69 -6.86 -9.68
C THR A 331 3.13 -8.10 -8.90
N TYR A 332 3.65 -7.91 -7.69
CA TYR A 332 4.06 -9.06 -6.89
C TYR A 332 2.87 -9.93 -6.52
N ALA A 333 1.72 -9.30 -6.23
CA ALA A 333 0.52 -10.06 -5.92
C ALA A 333 0.06 -10.88 -7.12
N GLU A 334 0.04 -10.27 -8.30
CA GLU A 334 -0.37 -10.99 -9.51
C GLU A 334 0.63 -12.08 -9.87
N ALA A 335 1.90 -11.90 -9.53
CA ALA A 335 2.90 -12.93 -9.81
C ALA A 335 2.77 -14.10 -8.85
N ILE A 336 2.52 -13.84 -7.57
CA ILE A 336 2.35 -14.91 -6.60
C ILE A 336 1.02 -15.63 -6.82
N ALA A 337 0.01 -14.92 -7.34
CA ALA A 337 -1.29 -15.52 -7.59
C ALA A 337 -1.28 -16.60 -8.66
N ASN A 338 -0.17 -16.79 -9.36
CA ASN A 338 -0.06 -17.83 -10.38
C ASN A 338 0.89 -18.95 -10.00
N MET A 339 1.50 -18.89 -8.81
CA MET A 339 2.41 -19.92 -8.37
C MET A 339 1.63 -21.13 -7.84
N PRO A 340 2.22 -22.33 -7.91
CA PRO A 340 1.54 -23.52 -7.38
C PRO A 340 1.21 -23.41 -5.90
N ALA A 341 2.23 -23.15 -5.08
CA ALA A 341 2.04 -22.94 -3.64
C ALA A 341 1.92 -21.44 -3.40
N SER A 342 0.74 -20.90 -3.74
CA SER A 342 0.54 -19.46 -3.69
C SER A 342 0.54 -18.94 -2.26
N THR A 343 -0.20 -19.62 -1.37
CA THR A 343 -0.35 -19.11 -0.01
C THR A 343 0.97 -19.17 0.76
N PHE A 344 1.67 -20.30 0.69
CA PHE A 344 2.92 -20.44 1.43
C PHE A 344 3.99 -19.48 0.91
N PHE A 345 4.12 -19.37 -0.41
CA PHE A 345 5.11 -18.46 -0.98
C PHE A 345 4.76 -17.01 -0.67
N ALA A 346 3.47 -16.67 -0.67
CA ALA A 346 3.06 -15.31 -0.32
C ALA A 346 3.39 -15.00 1.14
N ILE A 347 3.12 -15.95 2.03
CA ILE A 347 3.43 -15.76 3.45
C ILE A 347 4.93 -15.58 3.63
N ILE A 348 5.73 -16.40 2.95
CA ILE A 348 7.18 -16.30 3.07
C ILE A 348 7.68 -14.96 2.54
N PHE A 349 7.13 -14.52 1.40
CA PHE A 349 7.55 -13.26 0.82
C PHE A 349 7.20 -12.08 1.72
N PHE A 350 5.99 -12.08 2.29
CA PHE A 350 5.61 -11.00 3.18
C PHE A 350 6.43 -11.03 4.46
N LEU A 351 6.78 -12.22 4.95
CA LEU A 351 7.60 -12.32 6.15
C LEU A 351 9.01 -11.77 5.91
N MET A 352 9.62 -12.15 4.78
CA MET A 352 10.95 -11.62 4.49
C MET A 352 10.91 -10.13 4.21
N LEU A 353 9.83 -9.63 3.58
CA LEU A 353 9.72 -8.20 3.37
C LEU A 353 9.58 -7.46 4.68
N ILE A 354 8.80 -7.99 5.62
CA ILE A 354 8.65 -7.34 6.91
C ILE A 354 9.96 -7.36 7.68
N THR A 355 10.69 -8.47 7.65
CA THR A 355 11.96 -8.54 8.35
C THR A 355 12.98 -7.58 7.73
N LEU A 356 13.00 -7.46 6.41
CA LEU A 356 13.92 -6.54 5.74
C LEU A 356 13.55 -5.09 6.08
N GLY A 357 12.26 -4.77 6.09
CA GLY A 357 11.85 -3.43 6.48
C GLY A 357 12.21 -3.10 7.91
N LEU A 358 12.08 -4.08 8.81
CA LEU A 358 12.47 -3.88 10.19
C LEU A 358 13.98 -3.64 10.31
N ASP A 359 14.77 -4.46 9.60
CA ASP A 359 16.22 -4.29 9.64
C ASP A 359 16.65 -2.96 9.02
N SER A 360 15.88 -2.46 8.06
CA SER A 360 16.22 -1.17 7.45
C SER A 360 15.80 0.01 8.32
N THR A 361 14.69 -0.13 9.05
CA THR A 361 14.23 0.95 9.91
C THR A 361 14.91 0.97 11.27
N PHE A 362 15.55 -0.13 11.66
CA PHE A 362 16.30 -0.15 12.92
C PHE A 362 17.54 0.73 12.83
N ALA A 363 18.09 0.91 11.63
CA ALA A 363 19.26 1.77 11.47
C ALA A 363 18.87 3.24 11.30
N GLY A 364 17.68 3.51 10.76
CA GLY A 364 17.26 4.89 10.60
C GLY A 364 16.95 5.56 11.92
N LEU A 365 16.24 4.86 12.81
CA LEU A 365 15.91 5.41 14.12
C LEU A 365 17.07 5.37 15.09
N GLU A 366 18.14 4.66 14.76
CA GLU A 366 19.31 4.58 15.64
C GLU A 366 20.26 5.75 15.44
N GLY A 367 20.31 6.32 14.23
CA GLY A 367 21.18 7.45 13.97
C GLY A 367 20.79 8.72 14.71
N VAL A 368 19.61 8.76 15.30
CA VAL A 368 19.17 9.91 16.06
C VAL A 368 19.32 9.70 17.57
N ILE A 369 19.17 8.48 18.07
CA ILE A 369 19.29 8.22 19.50
C ILE A 369 20.74 8.44 19.95
N THR A 370 21.68 7.77 19.29
CA THR A 370 23.09 7.89 19.65
C THR A 370 23.68 9.25 19.32
N ALA A 371 22.96 10.08 18.56
CA ALA A 371 23.45 11.42 18.22
C ALA A 371 23.16 12.43 19.32
N VAL A 372 21.99 12.34 19.96
CA VAL A 372 21.66 13.26 21.04
C VAL A 372 22.48 12.97 22.28
N LEU A 373 22.82 11.69 22.52
CA LEU A 373 23.59 11.33 23.69
C LEU A 373 25.02 11.87 23.64
N ASP A 374 25.52 12.21 22.46
CA ASP A 374 26.85 12.78 22.33
C ASP A 374 26.88 14.29 22.52
N GLU A 375 25.73 14.95 22.43
CA GLU A 375 25.67 16.39 22.64
C GLU A 375 25.19 16.75 24.05
N PHE A 376 24.34 15.92 24.65
CA PHE A 376 23.85 16.13 26.00
C PHE A 376 24.03 14.84 26.80
N PRO A 377 25.27 14.51 27.17
CA PRO A 377 25.51 13.26 27.90
C PRO A 377 25.23 13.33 29.38
N HIS A 378 24.83 14.49 29.90
CA HIS A 378 24.61 14.65 31.33
C HIS A 378 23.18 14.37 31.77
N VAL A 379 22.23 14.31 30.84
CA VAL A 379 20.82 14.14 31.16
C VAL A 379 20.23 12.91 30.47
N TRP A 380 20.51 12.74 29.17
CA TRP A 380 19.88 11.69 28.40
C TRP A 380 20.72 10.43 28.27
N ALA A 381 22.04 10.53 28.39
CA ALA A 381 22.90 9.35 28.24
C ALA A 381 22.75 8.36 29.38
N LYS A 382 22.13 8.76 30.49
CA LYS A 382 21.96 7.87 31.64
C LYS A 382 20.67 7.05 31.55
N ARG A 383 19.59 7.66 31.06
CA ARG A 383 18.30 6.98 31.06
C ARG A 383 18.27 5.85 30.05
N ARG A 384 18.44 6.16 28.76
CA ARG A 384 18.43 5.23 27.64
C ARG A 384 17.05 4.61 27.40
N GLU A 385 16.08 4.88 28.27
CA GLU A 385 14.74 4.31 28.16
C GLU A 385 13.66 5.36 27.94
N ARG A 386 13.73 6.48 28.65
CA ARG A 386 12.72 7.53 28.52
C ARG A 386 12.86 8.37 27.27
N PHE A 387 13.97 8.25 26.55
CA PHE A 387 14.18 8.99 25.30
C PHE A 387 13.73 8.21 24.08
N VAL A 388 14.04 6.91 24.02
CA VAL A 388 13.60 6.10 22.89
C VAL A 388 12.09 5.95 22.90
N LEU A 389 11.48 5.83 24.08
CA LEU A 389 10.03 5.77 24.16
C LEU A 389 9.42 7.10 23.73
N ALA A 390 10.05 8.21 24.10
CA ALA A 390 9.55 9.53 23.72
C ALA A 390 9.62 9.71 22.20
N VAL A 391 10.72 9.31 21.58
CA VAL A 391 10.84 9.47 20.14
C VAL A 391 9.92 8.51 19.41
N VAL A 392 9.64 7.33 19.99
CA VAL A 392 8.68 6.42 19.38
C VAL A 392 7.28 7.00 19.44
N ILE A 393 6.90 7.58 20.58
CA ILE A 393 5.59 8.22 20.70
C ILE A 393 5.49 9.39 19.73
N THR A 394 6.56 10.16 19.58
CA THR A 394 6.55 11.30 18.66
C THR A 394 6.39 10.83 17.22
N CYS A 395 7.10 9.77 16.84
CA CYS A 395 6.98 9.26 15.47
C CYS A 395 5.63 8.60 15.22
N PHE A 396 5.00 8.07 16.27
CA PHE A 396 3.68 7.46 16.10
C PHE A 396 2.60 8.54 16.00
N PHE A 397 2.72 9.61 16.77
CA PHE A 397 1.74 10.70 16.67
C PHE A 397 1.83 11.41 15.33
N GLY A 398 3.03 11.50 14.75
CA GLY A 398 3.18 12.09 13.44
C GLY A 398 2.85 11.18 12.28
N SER A 399 2.67 9.88 12.54
CA SER A 399 2.32 8.92 11.52
C SER A 399 0.82 8.62 11.47
N LEU A 400 0.00 9.52 12.00
CA LEU A 400 -1.45 9.34 11.98
C LEU A 400 -2.11 9.97 10.76
N VAL A 401 -1.48 10.98 10.15
CA VAL A 401 -2.05 11.59 8.97
C VAL A 401 -1.91 10.66 7.76
N THR A 402 -0.84 9.88 7.69
CA THR A 402 -0.65 8.94 6.60
C THR A 402 -1.55 7.72 6.71
N LEU A 403 -2.11 7.45 7.89
CA LEU A 403 -3.03 6.36 8.09
C LEU A 403 -4.47 6.73 7.78
N THR A 404 -4.71 7.94 7.27
CA THR A 404 -6.05 8.37 6.91
C THR A 404 -6.53 7.64 5.67
N PHE A 405 -7.80 7.85 5.31
CA PHE A 405 -8.36 7.23 4.12
C PHE A 405 -7.64 7.69 2.86
N GLY A 406 -7.11 8.92 2.87
CA GLY A 406 -6.32 9.41 1.76
C GLY A 406 -4.84 9.15 1.96
N GLY A 407 -4.49 7.89 2.25
CA GLY A 407 -3.10 7.56 2.51
C GLY A 407 -2.23 7.68 1.28
N ALA A 408 -2.75 7.32 0.11
CA ALA A 408 -1.98 7.42 -1.12
C ALA A 408 -1.68 8.87 -1.49
N TYR A 409 -2.43 9.82 -0.95
CA TYR A 409 -2.21 11.24 -1.23
C TYR A 409 -1.19 11.87 -0.29
N VAL A 410 -0.89 11.23 0.83
CA VAL A 410 0.07 11.74 1.80
C VAL A 410 1.44 11.11 1.62
N VAL A 411 1.49 9.81 1.34
CA VAL A 411 2.77 9.14 1.12
C VAL A 411 3.43 9.66 -0.15
N LYS A 412 2.64 9.92 -1.20
CA LYS A 412 3.19 10.45 -2.44
C LYS A 412 3.72 11.86 -2.27
N LEU A 413 3.22 12.62 -1.29
CA LEU A 413 3.69 13.98 -1.08
C LEU A 413 5.03 14.00 -0.36
N LEU A 414 5.13 13.28 0.77
CA LEU A 414 6.35 13.27 1.57
C LEU A 414 7.45 12.40 0.96
N GLU A 415 7.23 11.82 -0.21
CA GLU A 415 8.24 10.96 -0.82
C GLU A 415 9.29 11.74 -1.59
N GLU A 416 8.89 12.82 -2.28
CA GLU A 416 9.82 13.61 -3.06
C GLU A 416 9.86 15.07 -2.61
N TYR A 417 9.33 15.38 -1.44
CA TYR A 417 9.37 16.74 -0.91
C TYR A 417 10.15 16.79 0.39
N ALA A 418 10.13 15.70 1.15
CA ALA A 418 10.85 15.61 2.41
C ALA A 418 12.11 14.75 2.32
N THR A 419 12.29 14.02 1.22
CA THR A 419 13.46 13.19 1.01
C THR A 419 14.28 13.56 -0.21
N GLY A 420 13.65 14.09 -1.26
CA GLY A 420 14.35 14.46 -2.45
C GLY A 420 15.23 15.69 -2.28
N PRO A 421 14.61 16.86 -2.10
CA PRO A 421 15.39 18.10 -2.01
C PRO A 421 16.11 18.28 -0.69
N ALA A 422 15.49 17.84 0.41
CA ALA A 422 16.05 18.08 1.73
C ALA A 422 17.35 17.31 1.92
N VAL A 423 17.34 16.00 1.67
CA VAL A 423 18.55 15.21 1.78
C VAL A 423 19.61 15.71 0.82
N LEU A 424 19.20 16.14 -0.37
CA LEU A 424 20.16 16.63 -1.36
C LEU A 424 20.87 17.89 -0.88
N THR A 425 20.11 18.86 -0.36
CA THR A 425 20.74 20.09 0.09
C THR A 425 21.54 19.87 1.37
N VAL A 426 21.12 18.94 2.24
CA VAL A 426 21.90 18.63 3.43
C VAL A 426 23.25 18.03 3.04
N ALA A 427 23.22 17.08 2.09
CA ALA A 427 24.46 16.47 1.62
C ALA A 427 25.35 17.51 0.94
N LEU A 428 24.75 18.39 0.14
CA LEU A 428 25.54 19.44 -0.53
C LEU A 428 26.21 20.35 0.50
N ILE A 429 25.46 20.77 1.52
CA ILE A 429 26.00 21.66 2.54
C ILE A 429 27.14 20.98 3.28
N GLU A 430 26.93 19.74 3.74
CA GLU A 430 27.97 19.06 4.50
C GLU A 430 29.20 18.79 3.63
N ALA A 431 29.00 18.46 2.35
CA ALA A 431 30.13 18.19 1.47
C ALA A 431 30.94 19.45 1.21
N VAL A 432 30.27 20.56 0.90
CA VAL A 432 31.01 21.79 0.65
C VAL A 432 31.68 22.28 1.92
N ALA A 433 31.07 22.03 3.08
CA ALA A 433 31.69 22.40 4.35
C ALA A 433 32.99 21.61 4.57
N VAL A 434 32.90 20.28 4.46
CA VAL A 434 34.08 19.45 4.65
C VAL A 434 35.15 19.77 3.61
N SER A 435 34.73 20.19 2.41
CA SER A 435 35.70 20.46 1.35
C SER A 435 36.42 21.79 1.55
N TRP A 436 35.69 22.86 1.83
CA TRP A 436 36.27 24.20 1.86
C TRP A 436 36.59 24.67 3.28
N PHE A 437 35.66 24.53 4.23
CA PHE A 437 35.90 25.05 5.57
C PHE A 437 36.93 24.20 6.32
N TYR A 438 36.79 22.88 6.26
CA TYR A 438 37.74 22.00 6.93
C TYR A 438 39.05 21.83 6.15
N GLY A 439 39.00 22.00 4.84
CA GLY A 439 40.20 21.85 4.02
C GLY A 439 40.36 20.46 3.45
N ILE A 440 40.52 20.36 2.14
CA ILE A 440 40.68 19.06 1.51
C ILE A 440 42.05 18.48 1.82
N THR A 441 43.07 19.33 1.98
CA THR A 441 44.41 18.84 2.29
C THR A 441 44.46 18.22 3.68
N GLN A 442 43.82 18.84 4.66
CA GLN A 442 43.78 18.28 6.01
C GLN A 442 43.05 16.94 6.03
N PHE A 443 41.93 16.85 5.30
CA PHE A 443 41.19 15.59 5.23
C PHE A 443 42.02 14.51 4.55
N CYS A 444 42.73 14.85 3.48
CA CYS A 444 43.57 13.88 2.80
C CYS A 444 44.70 13.40 3.70
N ARG A 445 45.32 14.32 4.45
CA ARG A 445 46.38 13.94 5.37
C ARG A 445 45.85 13.05 6.49
N ASP A 446 44.65 13.36 6.99
CA ASP A 446 44.05 12.53 8.03
C ASP A 446 43.73 11.14 7.51
N VAL A 447 43.23 11.04 6.28
CA VAL A 447 42.94 9.74 5.68
C VAL A 447 44.23 8.95 5.49
N LYS A 448 45.29 9.62 5.04
CA LYS A 448 46.58 8.94 4.85
C LYS A 448 47.14 8.47 6.19
N GLU A 449 46.91 9.25 7.26
CA GLU A 449 47.42 8.85 8.57
C GLU A 449 46.61 7.69 9.14
N MET A 450 45.31 7.67 8.90
CA MET A 450 44.44 6.64 9.46
C MET A 450 44.34 5.39 8.59
N LEU A 451 44.88 5.41 7.37
CA LEU A 451 44.79 4.24 6.51
C LEU A 451 46.15 3.85 5.96
N GLY A 452 47.04 4.82 5.75
CA GLY A 452 48.32 4.55 5.14
C GLY A 452 48.31 4.57 3.63
N PHE A 453 47.27 5.12 3.01
CA PHE A 453 47.18 5.19 1.55
C PHE A 453 46.37 6.42 1.19
N SER A 454 46.99 7.34 0.46
CA SER A 454 46.31 8.57 0.08
C SER A 454 45.29 8.30 -1.03
N PRO A 455 44.18 9.02 -1.04
CA PRO A 455 43.18 8.83 -2.10
C PRO A 455 43.74 9.23 -3.46
N GLY A 456 43.22 8.60 -4.51
CA GLY A 456 43.66 8.86 -5.86
C GLY A 456 43.24 10.24 -6.35
N TRP A 457 43.61 10.52 -7.60
CA TRP A 457 43.28 11.80 -8.20
C TRP A 457 41.79 11.93 -8.46
N PHE A 458 41.09 10.81 -8.66
CA PHE A 458 39.65 10.87 -8.90
C PHE A 458 38.89 11.24 -7.64
N TRP A 459 39.37 10.83 -6.47
CA TRP A 459 38.68 11.14 -5.22
C TRP A 459 39.01 12.54 -4.73
N ARG A 460 40.24 13.01 -4.94
CA ARG A 460 40.63 14.34 -4.50
C ARG A 460 39.97 15.45 -5.29
N ILE A 461 39.34 15.13 -6.43
CA ILE A 461 38.67 16.12 -7.26
C ILE A 461 37.15 16.03 -7.18
N CYS A 462 36.60 14.96 -6.60
CA CYS A 462 35.15 14.82 -6.53
C CYS A 462 34.54 15.82 -5.56
N TRP A 463 34.93 15.75 -4.28
CA TRP A 463 34.34 16.61 -3.26
C TRP A 463 34.62 18.09 -3.52
N VAL A 464 35.53 18.41 -4.43
CA VAL A 464 35.86 19.80 -4.70
C VAL A 464 34.80 20.45 -5.59
N ALA A 465 34.61 19.92 -6.79
CA ALA A 465 33.70 20.53 -7.74
C ALA A 465 32.87 19.55 -8.56
N ILE A 466 32.90 18.24 -8.25
CA ILE A 466 32.15 17.27 -9.04
C ILE A 466 30.80 17.03 -8.39
N SER A 467 30.82 16.54 -7.14
CA SER A 467 29.56 16.28 -6.44
C SER A 467 28.86 17.56 -6.00
N PRO A 468 29.53 18.58 -5.45
CA PRO A 468 28.78 19.78 -5.05
C PRO A 468 28.14 20.50 -6.21
N LEU A 469 28.84 20.66 -7.34
CA LEU A 469 28.27 21.32 -8.49
C LEU A 469 27.08 20.54 -9.05
N PHE A 470 27.20 19.21 -9.11
CA PHE A 470 26.09 18.38 -9.58
C PHE A 470 24.88 18.51 -8.67
N LEU A 471 25.11 18.49 -7.35
CA LEU A 471 24.00 18.63 -6.41
C LEU A 471 23.34 19.99 -6.53
N LEU A 472 24.14 21.04 -6.70
CA LEU A 472 23.58 22.39 -6.87
C LEU A 472 22.78 22.48 -8.16
N PHE A 473 23.28 21.88 -9.24
CA PHE A 473 22.54 21.90 -10.50
C PHE A 473 21.22 21.14 -10.38
N ILE A 474 21.24 20.00 -9.69
CA ILE A 474 20.01 19.23 -9.51
C ILE A 474 19.02 20.01 -8.66
N ILE A 475 19.50 20.69 -7.61
CA ILE A 475 18.63 21.49 -6.77
C ILE A 475 18.01 22.63 -7.58
N CYS A 476 18.81 23.28 -8.42
CA CYS A 476 18.29 24.37 -9.25
C CYS A 476 17.26 23.85 -10.25
N SER A 477 17.52 22.69 -10.86
CA SER A 477 16.57 22.12 -11.81
C SER A 477 15.27 21.72 -11.11
N PHE A 478 15.37 21.25 -9.86
CA PHE A 478 14.16 20.88 -9.13
C PHE A 478 13.37 22.11 -8.71
N LEU A 479 14.07 23.20 -8.35
CA LEU A 479 13.38 24.41 -7.94
C LEU A 479 12.79 25.17 -9.13
N MET A 480 13.37 25.02 -10.32
CA MET A 480 12.88 25.73 -11.49
C MET A 480 11.83 24.96 -12.27
N SER A 481 11.70 23.65 -12.03
CA SER A 481 10.73 22.84 -12.75
C SER A 481 9.60 22.42 -11.81
N PRO A 482 8.35 22.48 -12.27
CA PRO A 482 7.23 22.08 -11.42
C PRO A 482 7.28 20.60 -11.08
N PRO A 483 7.36 20.26 -9.79
CA PRO A 483 7.44 18.84 -9.41
C PRO A 483 6.07 18.20 -9.24
N GLN A 484 5.03 18.84 -9.79
CA GLN A 484 3.66 18.34 -9.68
C GLN A 484 3.56 16.88 -10.10
N LEU A 485 2.77 16.12 -9.35
CA LEU A 485 2.60 14.69 -9.55
C LEU A 485 1.18 14.40 -10.03
N ARG A 486 0.88 13.10 -10.14
CA ARG A 486 -0.45 12.65 -10.56
C ARG A 486 -0.67 11.24 -10.04
N LEU A 487 -1.82 11.00 -9.43
CA LEU A 487 -2.11 9.69 -8.84
C LEU A 487 -3.61 9.51 -8.72
N PHE A 488 -4.14 8.44 -9.32
CA PHE A 488 -5.53 8.01 -9.17
C PHE A 488 -6.50 9.10 -9.63
N GLN A 489 -6.35 9.50 -10.89
CA GLN A 489 -7.26 10.43 -11.57
C GLN A 489 -7.40 11.76 -10.84
N TYR A 490 -6.43 12.12 -10.01
CA TYR A 490 -6.47 13.39 -9.28
C TYR A 490 -5.02 13.79 -9.01
N ASN A 491 -4.50 14.70 -9.84
CA ASN A 491 -3.08 15.02 -9.80
C ASN A 491 -2.67 15.63 -8.46
N TYR A 492 -3.13 16.86 -8.19
CA TYR A 492 -2.87 17.58 -6.94
C TYR A 492 -3.59 18.92 -6.98
N PRO A 493 -3.92 19.51 -5.84
CA PRO A 493 -4.44 20.88 -5.83
C PRO A 493 -3.33 21.89 -6.08
N TYR A 494 -3.73 23.16 -6.14
CA TYR A 494 -2.76 24.22 -6.38
C TYR A 494 -1.87 24.45 -5.16
N TRP A 495 -2.46 24.37 -3.97
CA TRP A 495 -1.70 24.59 -2.73
C TRP A 495 -0.82 23.41 -2.36
N SER A 496 -0.89 22.30 -3.12
CA SER A 496 -0.04 21.15 -2.81
C SER A 496 1.43 21.48 -3.03
N ILE A 497 1.75 22.25 -4.07
CA ILE A 497 3.13 22.64 -4.31
C ILE A 497 3.65 23.52 -3.18
N ILE A 498 2.84 24.46 -2.71
CA ILE A 498 3.25 25.31 -1.60
C ILE A 498 3.43 24.49 -0.32
N LEU A 499 2.53 23.53 -0.09
CA LEU A 499 2.66 22.68 1.09
C LEU A 499 3.94 21.85 1.03
N GLY A 500 4.26 21.31 -0.14
CA GLY A 500 5.49 20.54 -0.28
C GLY A 500 6.73 21.40 -0.11
N TYR A 501 6.70 22.62 -0.65
CA TYR A 501 7.84 23.52 -0.48
C TYR A 501 8.00 23.94 0.97
N CYS A 502 6.90 24.08 1.70
CA CYS A 502 7.00 24.42 3.12
C CYS A 502 7.49 23.23 3.94
N ILE A 503 7.09 22.01 3.57
CA ILE A 503 7.57 20.83 4.25
C ILE A 503 9.07 20.64 4.02
N GLY A 504 9.51 20.81 2.77
CA GLY A 504 10.92 20.70 2.45
C GLY A 504 11.78 21.83 2.96
N THR A 505 11.16 22.87 3.52
CA THR A 505 11.90 24.02 4.05
C THR A 505 12.09 23.95 5.55
N SER A 506 11.12 23.41 6.30
CA SER A 506 11.25 23.33 7.74
C SER A 506 12.41 22.47 8.19
N SER A 507 12.84 21.53 7.35
CA SER A 507 14.00 20.69 7.66
C SER A 507 15.31 21.36 7.29
N PHE A 508 15.31 22.23 6.28
CA PHE A 508 16.52 22.92 5.85
C PHE A 508 16.74 24.22 6.60
N ILE A 509 15.68 24.82 7.16
CA ILE A 509 15.80 26.13 7.82
C ILE A 509 16.62 26.07 9.10
N CYS A 510 16.96 24.88 9.58
CA CYS A 510 17.73 24.78 10.82
C CYS A 510 19.15 25.29 10.64
N ILE A 511 19.74 25.08 9.46
CA ILE A 511 21.11 25.47 9.20
C ILE A 511 21.24 27.00 9.20
N PRO A 512 20.41 27.76 8.46
CA PRO A 512 20.51 29.22 8.59
C PRO A 512 20.15 29.73 9.96
N THR A 513 19.24 29.06 10.66
CA THR A 513 18.90 29.47 12.03
C THR A 513 20.13 29.36 12.94
N TYR A 514 20.84 28.23 12.86
CA TYR A 514 22.04 28.08 13.69
C TYR A 514 23.17 28.98 13.21
N ILE A 515 23.21 29.31 11.92
CA ILE A 515 24.22 30.24 11.42
C ILE A 515 23.99 31.63 11.98
N ALA A 516 22.74 32.10 11.96
CA ALA A 516 22.40 33.41 12.50
C ALA A 516 22.38 33.44 14.02
N TYR A 517 22.32 32.27 14.68
CA TYR A 517 22.32 32.21 16.14
C TYR A 517 23.73 32.12 16.72
N ARG A 518 24.63 31.43 16.02
CA ARG A 518 25.99 31.28 16.52
C ARG A 518 26.76 32.60 16.51
N LEU A 519 26.45 33.48 15.55
CA LEU A 519 27.14 34.75 15.43
C LEU A 519 26.71 35.78 16.46
N ILE A 520 25.75 35.45 17.32
CA ILE A 520 25.27 36.37 18.34
C ILE A 520 25.94 36.11 19.69
N ILE A 521 26.17 34.84 20.02
CA ILE A 521 26.76 34.51 21.31
C ILE A 521 28.22 34.92 21.36
N THR A 522 28.96 34.70 20.28
CA THR A 522 30.37 35.05 20.25
C THR A 522 30.53 36.55 20.15
N PRO A 523 31.35 37.18 20.98
CA PRO A 523 31.53 38.63 20.93
C PRO A 523 32.51 39.02 19.82
N GLY A 524 32.67 40.32 19.64
CA GLY A 524 33.56 40.87 18.64
C GLY A 524 32.82 41.34 17.41
N THR A 525 33.59 41.87 16.46
CA THR A 525 33.04 42.36 15.21
C THR A 525 32.68 41.19 14.30
N PHE A 526 32.19 41.51 13.09
CA PHE A 526 31.75 40.49 12.16
C PHE A 526 32.91 39.58 11.75
N LYS A 527 34.02 40.18 11.32
CA LYS A 527 35.17 39.39 10.89
C LYS A 527 35.76 38.59 12.04
N GLU A 528 35.84 39.19 13.23
CA GLU A 528 36.38 38.48 14.39
C GLU A 528 35.46 37.32 14.77
N ARG A 529 34.15 37.53 14.75
CA ARG A 529 33.22 36.44 15.05
C ARG A 529 33.34 35.33 14.02
N ILE A 530 33.47 35.67 12.74
CA ILE A 530 33.62 34.66 11.71
C ILE A 530 34.90 33.85 11.91
N ILE A 531 36.00 34.54 12.22
CA ILE A 531 37.27 33.85 12.43
C ILE A 531 37.20 32.94 13.66
N LYS A 532 36.53 33.41 14.72
CA LYS A 532 36.42 32.61 15.93
C LYS A 532 35.52 31.40 15.74
N SER A 533 34.46 31.53 14.92
CA SER A 533 33.54 30.43 14.70
C SER A 533 33.98 29.48 13.59
N ILE A 534 34.96 29.88 12.77
CA ILE A 534 35.44 29.01 11.71
C ILE A 534 36.33 27.90 12.27
N THR A 535 37.23 28.26 13.18
CA THR A 535 38.13 27.26 13.75
C THR A 535 37.34 26.28 14.63
N PRO A 536 37.65 24.99 14.55
CA PRO A 536 36.93 24.01 15.37
C PRO A 536 37.25 24.18 16.85
N GLU A 537 36.38 23.61 17.68
CA GLU A 537 36.56 23.68 19.12
C GLU A 537 37.68 22.76 19.57
N THR A 538 38.53 23.26 20.47
CA THR A 538 39.65 22.47 20.95
C THR A 538 39.23 21.67 22.20
N PRO A 539 39.70 20.43 22.32
CA PRO A 539 39.39 19.59 23.48
C PRO A 539 39.92 20.16 24.79
N GLN B 1 -31.60 -5.55 -21.41
CA GLN B 1 -32.49 -6.48 -20.73
C GLN B 1 -31.76 -7.77 -20.35
N VAL B 2 -32.13 -8.35 -19.22
CA VAL B 2 -31.53 -9.59 -18.72
C VAL B 2 -32.68 -10.54 -18.42
N GLN B 3 -32.85 -11.56 -19.27
CA GLN B 3 -33.92 -12.53 -19.09
C GLN B 3 -33.52 -13.58 -18.06
N LEU B 4 -34.52 -14.09 -17.35
CA LEU B 4 -34.29 -15.11 -16.33
C LEU B 4 -35.57 -15.93 -16.19
N GLN B 5 -35.49 -17.22 -16.52
CA GLN B 5 -36.62 -18.12 -16.46
C GLN B 5 -36.29 -19.28 -15.52
N GLN B 6 -37.32 -20.08 -15.23
CA GLN B 6 -37.19 -21.23 -14.34
C GLN B 6 -37.93 -22.40 -14.97
N SER B 7 -38.09 -23.48 -14.21
CA SER B 7 -38.79 -24.67 -14.67
C SER B 7 -40.29 -24.53 -14.36
N GLY B 8 -41.04 -25.61 -14.54
CA GLY B 8 -42.46 -25.60 -14.28
C GLY B 8 -42.80 -26.18 -12.92
N PRO B 9 -44.08 -26.32 -12.64
CA PRO B 9 -44.51 -26.89 -11.35
C PRO B 9 -44.09 -28.34 -11.22
N GLU B 10 -43.93 -28.77 -9.97
CA GLU B 10 -43.53 -30.13 -9.67
C GLU B 10 -44.42 -30.75 -8.60
N LEU B 11 -44.05 -31.95 -8.13
CA LEU B 11 -44.80 -32.65 -7.10
C LEU B 11 -43.85 -33.06 -5.98
N VAL B 12 -44.21 -32.72 -4.75
CA VAL B 12 -43.38 -33.01 -3.59
C VAL B 12 -43.78 -34.40 -3.09
N LYS B 13 -42.92 -35.39 -3.35
CA LYS B 13 -43.15 -36.75 -2.89
C LYS B 13 -42.34 -37.03 -1.62
N LEU B 14 -42.92 -37.83 -0.74
CA LEU B 14 -42.27 -38.16 0.53
C LEU B 14 -41.06 -39.05 0.27
N GLY B 15 -39.87 -38.52 0.54
CA GLY B 15 -38.64 -39.27 0.38
C GLY B 15 -37.99 -39.17 -0.98
N ALA B 16 -38.61 -38.50 -1.95
CA ALA B 16 -38.05 -38.37 -3.28
C ALA B 16 -37.18 -37.11 -3.34
N SER B 17 -36.75 -36.75 -4.55
CA SER B 17 -35.91 -35.57 -4.76
C SER B 17 -36.36 -34.85 -6.01
N VAL B 18 -36.14 -33.54 -6.05
CA VAL B 18 -36.50 -32.69 -7.17
C VAL B 18 -35.26 -31.95 -7.64
N ARG B 19 -35.42 -31.23 -8.76
CA ARG B 19 -34.33 -30.46 -9.34
C ARG B 19 -34.93 -29.22 -10.01
N ILE B 20 -34.53 -28.04 -9.53
CA ILE B 20 -35.01 -26.77 -10.04
C ILE B 20 -33.86 -26.06 -10.74
N SER B 21 -34.09 -25.62 -11.97
CA SER B 21 -33.08 -24.94 -12.77
C SER B 21 -33.37 -23.44 -12.83
N CYS B 22 -32.36 -22.69 -13.25
CA CYS B 22 -32.48 -21.23 -13.39
C CYS B 22 -31.53 -20.80 -14.50
N LYS B 23 -32.09 -20.57 -15.69
CA LYS B 23 -31.32 -20.20 -16.87
C LYS B 23 -31.33 -18.67 -17.00
N ALA B 24 -30.20 -18.05 -16.72
CA ALA B 24 -30.06 -16.61 -16.85
C ALA B 24 -29.36 -16.26 -18.15
N SER B 25 -29.71 -15.10 -18.71
CA SER B 25 -29.13 -14.65 -19.96
C SER B 25 -29.32 -13.15 -20.08
N GLY B 26 -28.39 -12.49 -20.76
CA GLY B 26 -28.43 -11.05 -20.97
C GLY B 26 -27.30 -10.28 -20.31
N TYR B 27 -26.38 -10.96 -19.62
CA TYR B 27 -25.26 -10.30 -18.96
C TYR B 27 -24.18 -11.35 -18.70
N ARG B 28 -23.14 -10.93 -17.99
CA ARG B 28 -22.05 -11.83 -17.64
C ARG B 28 -22.54 -12.86 -16.63
N PHE B 29 -22.45 -14.14 -17.00
CA PHE B 29 -22.97 -15.20 -16.14
C PHE B 29 -22.06 -15.44 -14.94
N SER B 30 -20.78 -15.71 -15.19
CA SER B 30 -19.84 -16.02 -14.11
C SER B 30 -19.21 -14.75 -13.54
N TYR B 31 -20.05 -13.79 -13.17
CA TYR B 31 -19.59 -12.56 -12.54
C TYR B 31 -20.44 -12.10 -11.37
N SER B 32 -21.65 -12.64 -11.18
CA SER B 32 -22.52 -12.25 -10.09
C SER B 32 -23.13 -13.49 -9.45
N TRP B 33 -23.48 -13.37 -8.18
CA TRP B 33 -24.05 -14.48 -7.44
C TRP B 33 -25.47 -14.77 -7.92
N MET B 34 -25.99 -15.94 -7.52
CA MET B 34 -27.33 -16.38 -7.87
C MET B 34 -28.04 -16.77 -6.57
N ASN B 35 -28.88 -15.86 -6.06
CA ASN B 35 -29.59 -16.11 -4.82
C ASN B 35 -30.70 -17.13 -5.02
N TRP B 36 -31.14 -17.71 -3.90
CA TRP B 36 -32.23 -18.69 -3.90
C TRP B 36 -33.03 -18.49 -2.62
N VAL B 37 -34.28 -18.06 -2.76
CA VAL B 37 -35.12 -17.77 -1.61
C VAL B 37 -36.29 -18.76 -1.59
N LYS B 38 -36.92 -18.86 -0.42
CA LYS B 38 -38.06 -19.73 -0.21
C LYS B 38 -39.19 -18.94 0.43
N GLN B 39 -40.40 -19.12 -0.09
CA GLN B 39 -41.58 -18.39 0.39
C GLN B 39 -42.73 -19.38 0.56
N ARG B 40 -43.08 -19.67 1.81
CA ARG B 40 -44.21 -20.53 2.10
C ARG B 40 -45.52 -19.77 1.90
N PRO B 41 -46.59 -20.47 1.53
CA PRO B 41 -47.89 -19.80 1.35
C PRO B 41 -48.37 -19.17 2.65
N GLY B 42 -48.48 -17.85 2.64
CA GLY B 42 -48.89 -17.11 3.82
C GLY B 42 -47.73 -16.52 4.59
N LYS B 43 -46.64 -17.26 4.69
CA LYS B 43 -45.46 -16.79 5.40
C LYS B 43 -44.64 -15.85 4.52
N GLY B 44 -43.51 -15.38 5.07
CA GLY B 44 -42.63 -14.48 4.37
C GLY B 44 -41.52 -15.21 3.65
N LEU B 45 -40.58 -14.42 3.12
CA LEU B 45 -39.45 -14.97 2.39
C LEU B 45 -38.48 -15.65 3.35
N GLU B 46 -37.66 -16.55 2.80
CA GLU B 46 -36.67 -17.28 3.58
C GLU B 46 -35.49 -17.59 2.69
N TRP B 47 -34.31 -17.09 3.06
CA TRP B 47 -33.11 -17.31 2.27
C TRP B 47 -32.60 -18.73 2.46
N ILE B 48 -32.11 -19.32 1.37
CA ILE B 48 -31.59 -20.69 1.38
C ILE B 48 -30.07 -20.71 1.23
N GLY B 49 -29.57 -20.17 0.14
CA GLY B 49 -28.13 -20.15 -0.08
C GLY B 49 -27.76 -19.36 -1.31
N ARG B 50 -26.47 -19.37 -1.62
CA ARG B 50 -25.96 -18.64 -2.77
C ARG B 50 -24.85 -19.46 -3.42
N ILE B 51 -24.62 -19.19 -4.70
CA ILE B 51 -23.60 -19.91 -5.46
C ILE B 51 -23.05 -18.97 -6.53
N TYR B 52 -21.73 -18.85 -6.59
CA TYR B 52 -21.08 -18.00 -7.58
C TYR B 52 -20.61 -18.85 -8.75
N PRO B 53 -21.05 -18.56 -9.97
CA PRO B 53 -20.60 -19.36 -11.12
C PRO B 53 -19.10 -19.20 -11.34
N GLY B 54 -18.43 -20.33 -11.55
CA GLY B 54 -17.00 -20.37 -11.70
C GLY B 54 -16.25 -21.15 -10.64
N ASP B 55 -16.93 -22.00 -9.86
CA ASP B 55 -16.30 -22.85 -8.85
C ASP B 55 -15.57 -22.02 -7.79
N GLY B 56 -16.02 -20.79 -7.55
CA GLY B 56 -15.35 -19.94 -6.59
C GLY B 56 -15.71 -20.24 -5.15
N ASP B 57 -16.97 -20.03 -4.78
CA ASP B 57 -17.43 -20.22 -3.41
C ASP B 57 -18.71 -21.04 -3.43
N THR B 58 -19.14 -21.48 -2.25
CA THR B 58 -20.41 -22.18 -2.10
C THR B 58 -20.88 -21.96 -0.67
N LYS B 59 -21.89 -21.12 -0.48
CA LYS B 59 -22.39 -20.77 0.84
C LYS B 59 -23.85 -21.17 1.00
N TYR B 60 -24.30 -21.19 2.25
CA TYR B 60 -25.67 -21.53 2.59
C TYR B 60 -26.11 -20.66 3.77
N SER B 61 -27.40 -20.78 4.10
CA SER B 61 -27.95 -20.00 5.21
C SER B 61 -27.60 -20.62 6.56
N GLY B 62 -27.79 -21.94 6.69
CA GLY B 62 -27.52 -22.62 7.95
C GLY B 62 -28.56 -23.67 8.27
N LYS B 63 -29.77 -23.51 7.74
CA LYS B 63 -30.83 -24.48 7.94
C LYS B 63 -31.04 -25.40 6.75
N PHE B 64 -30.49 -25.06 5.58
CA PHE B 64 -30.59 -25.88 4.38
C PHE B 64 -29.21 -26.34 3.92
N LYS B 65 -28.26 -26.47 4.85
CA LYS B 65 -26.91 -26.88 4.49
C LYS B 65 -26.83 -28.35 4.12
N GLY B 66 -27.85 -29.15 4.46
CA GLY B 66 -27.84 -30.55 4.13
C GLY B 66 -28.98 -30.96 3.22
N LYS B 67 -29.91 -30.04 2.98
CA LYS B 67 -31.06 -30.31 2.13
C LYS B 67 -30.99 -29.59 0.79
N ALA B 68 -29.99 -28.74 0.57
CA ALA B 68 -29.84 -28.00 -0.68
C ALA B 68 -28.48 -28.28 -1.29
N THR B 69 -28.46 -28.40 -2.62
CA THR B 69 -27.21 -28.66 -3.36
C THR B 69 -27.23 -27.78 -4.60
N LEU B 70 -26.51 -26.66 -4.55
CA LEU B 70 -26.45 -25.71 -5.65
C LEU B 70 -25.37 -26.15 -6.64
N THR B 71 -25.77 -26.36 -7.89
CA THR B 71 -24.86 -26.78 -8.95
C THR B 71 -24.90 -25.77 -10.08
N ALA B 72 -23.71 -25.36 -10.54
CA ALA B 72 -23.57 -24.40 -11.62
C ALA B 72 -23.13 -25.10 -12.90
N ASP B 73 -23.39 -24.42 -14.03
CA ASP B 73 -23.03 -24.95 -15.34
C ASP B 73 -22.81 -23.77 -16.27
N LYS B 74 -21.55 -23.46 -16.55
CA LYS B 74 -21.20 -22.34 -17.41
C LYS B 74 -21.40 -22.63 -18.90
N SER B 75 -21.77 -23.87 -19.26
CA SER B 75 -21.98 -24.19 -20.66
C SER B 75 -23.26 -23.54 -21.18
N SER B 76 -24.38 -23.76 -20.50
CA SER B 76 -25.66 -23.19 -20.89
C SER B 76 -26.13 -22.09 -19.95
N SER B 77 -25.33 -21.72 -18.95
CA SER B 77 -25.67 -20.70 -17.95
C SER B 77 -27.02 -21.00 -17.29
N THR B 78 -27.13 -22.24 -16.79
CA THR B 78 -28.32 -22.69 -16.07
C THR B 78 -27.89 -23.19 -14.71
N VAL B 79 -28.25 -22.45 -13.66
CA VAL B 79 -27.93 -22.85 -12.29
C VAL B 79 -28.98 -23.83 -11.80
N TYR B 80 -28.54 -24.94 -11.22
CA TYR B 80 -29.43 -25.99 -10.74
C TYR B 80 -29.49 -25.98 -9.22
N MET B 81 -30.47 -26.72 -8.69
CA MET B 81 -30.64 -26.86 -7.25
C MET B 81 -31.38 -28.17 -7.00
N GLN B 82 -30.74 -29.09 -6.28
CA GLN B 82 -31.30 -30.41 -6.01
C GLN B 82 -31.61 -30.52 -4.53
N LEU B 83 -32.90 -30.67 -4.21
CA LEU B 83 -33.33 -30.85 -2.84
C LEU B 83 -33.36 -32.32 -2.46
N SER B 84 -33.24 -32.59 -1.16
CA SER B 84 -33.21 -33.95 -0.65
C SER B 84 -34.03 -34.03 0.63
N SER B 85 -34.59 -35.21 0.89
CA SER B 85 -35.42 -35.49 2.06
C SER B 85 -36.54 -34.45 2.19
N LEU B 86 -37.40 -34.41 1.18
CA LEU B 86 -38.51 -33.49 1.18
C LEU B 86 -39.62 -33.99 2.12
N THR B 87 -40.50 -33.06 2.48
CA THR B 87 -41.62 -33.37 3.37
C THR B 87 -42.76 -32.41 3.05
N SER B 88 -43.77 -32.40 3.92
CA SER B 88 -44.91 -31.50 3.73
C SER B 88 -44.61 -30.05 4.08
N GLU B 89 -43.43 -29.77 4.64
CA GLU B 89 -43.06 -28.41 4.98
C GLU B 89 -42.36 -27.68 3.85
N ASP B 90 -41.62 -28.39 3.01
CA ASP B 90 -40.88 -27.79 1.91
C ASP B 90 -41.76 -27.41 0.73
N SER B 91 -43.08 -27.58 0.84
CA SER B 91 -44.00 -27.22 -0.24
C SER B 91 -44.15 -25.71 -0.25
N ALA B 92 -43.32 -25.04 -1.04
CA ALA B 92 -43.31 -23.59 -1.12
C ALA B 92 -42.90 -23.19 -2.53
N VAL B 93 -42.57 -21.91 -2.69
CA VAL B 93 -42.16 -21.36 -3.99
C VAL B 93 -40.70 -20.92 -3.88
N TYR B 94 -39.88 -21.37 -4.82
CA TYR B 94 -38.47 -21.05 -4.85
C TYR B 94 -38.19 -20.14 -6.03
N PHE B 95 -37.61 -18.98 -5.76
CA PHE B 95 -37.28 -18.00 -6.78
C PHE B 95 -35.79 -18.07 -7.13
N CYS B 96 -35.36 -17.20 -8.03
CA CYS B 96 -33.97 -17.14 -8.48
C CYS B 96 -33.64 -15.67 -8.74
N ALA B 97 -32.90 -15.05 -7.82
CA ALA B 97 -32.55 -13.64 -7.90
C ALA B 97 -31.06 -13.51 -8.14
N ARG B 98 -30.69 -12.68 -9.13
CA ARG B 98 -29.30 -12.41 -9.42
C ARG B 98 -28.78 -11.28 -8.54
N SER B 99 -27.62 -11.49 -7.91
CA SER B 99 -27.04 -10.48 -7.05
C SER B 99 -26.44 -9.36 -7.88
N ALA B 100 -25.91 -8.34 -7.20
CA ALA B 100 -25.35 -7.18 -7.85
C ALA B 100 -23.95 -7.49 -8.37
N TYR B 101 -23.24 -6.45 -8.83
CA TYR B 101 -21.92 -6.58 -9.41
C TYR B 101 -20.81 -6.23 -8.43
N GLY B 102 -21.01 -6.49 -7.14
CA GLY B 102 -19.97 -6.22 -6.17
C GLY B 102 -20.40 -5.46 -4.93
N SER B 103 -19.88 -4.24 -4.78
CA SER B 103 -20.01 -3.46 -3.54
C SER B 103 -21.43 -3.45 -2.98
N GLU B 104 -22.41 -3.10 -3.81
CA GLU B 104 -23.79 -2.96 -3.32
C GLU B 104 -24.35 -4.32 -2.89
N GLY B 105 -24.23 -5.33 -3.74
CA GLY B 105 -24.69 -6.66 -3.39
C GLY B 105 -26.19 -6.79 -3.27
N PHE B 106 -26.95 -6.01 -4.02
CA PHE B 106 -28.40 -6.06 -3.98
C PHE B 106 -28.96 -6.92 -5.11
N ALA B 107 -30.25 -7.15 -5.06
CA ALA B 107 -30.93 -7.92 -6.10
C ALA B 107 -31.23 -7.03 -7.29
N MET B 108 -30.84 -7.48 -8.49
CA MET B 108 -30.97 -6.70 -9.70
C MET B 108 -32.39 -6.70 -10.27
N ASP B 109 -33.37 -7.10 -9.46
CA ASP B 109 -34.79 -7.12 -9.79
C ASP B 109 -35.11 -8.13 -10.89
N TYR B 110 -34.15 -8.95 -11.32
CA TYR B 110 -34.38 -9.95 -12.34
C TYR B 110 -34.75 -11.27 -11.66
N TRP B 111 -35.97 -11.33 -11.15
CA TRP B 111 -36.48 -12.49 -10.44
C TRP B 111 -37.27 -13.38 -11.39
N GLY B 112 -37.26 -14.68 -11.10
CA GLY B 112 -38.00 -15.63 -11.89
C GLY B 112 -39.48 -15.65 -11.54
N GLN B 113 -40.24 -16.39 -12.36
CA GLN B 113 -41.68 -16.50 -12.14
C GLN B 113 -42.02 -17.35 -10.92
N GLY B 114 -41.07 -18.12 -10.40
CA GLY B 114 -41.32 -18.94 -9.22
C GLY B 114 -41.63 -20.38 -9.55
N THR B 115 -40.94 -21.31 -8.87
CA THR B 115 -41.15 -22.74 -9.07
C THR B 115 -41.99 -23.25 -7.90
N SER B 116 -43.30 -23.14 -8.03
CA SER B 116 -44.22 -23.56 -6.98
C SER B 116 -44.35 -25.07 -7.00
N VAL B 117 -43.75 -25.74 -6.03
CA VAL B 117 -43.82 -27.20 -5.92
C VAL B 117 -44.97 -27.57 -5.00
N THR B 118 -45.54 -28.76 -5.24
CA THR B 118 -46.66 -29.23 -4.45
C THR B 118 -46.72 -30.76 -4.47
N ASP C 1 -25.63 -15.85 12.00
CA ASP C 1 -26.40 -14.93 11.16
C ASP C 1 -26.76 -13.66 11.92
N ILE C 2 -26.97 -12.58 11.19
CA ILE C 2 -27.33 -11.29 11.77
C ILE C 2 -28.84 -11.23 11.93
N VAL C 3 -29.30 -11.12 13.18
CA VAL C 3 -30.73 -11.05 13.45
C VAL C 3 -31.26 -9.68 13.08
N LEU C 4 -32.27 -9.64 12.21
CA LEU C 4 -32.88 -8.40 11.74
C LEU C 4 -34.38 -8.51 11.93
N THR C 5 -34.94 -7.67 12.81
CA THR C 5 -36.37 -7.66 13.08
C THR C 5 -36.95 -6.29 12.74
N GLN C 6 -38.23 -6.28 12.36
CA GLN C 6 -38.95 -5.06 12.04
C GLN C 6 -39.90 -4.73 13.18
N SER C 7 -39.82 -3.49 13.68
CA SER C 7 -40.65 -3.06 14.79
C SER C 7 -42.13 -2.89 14.42
N PRO C 8 -42.48 -2.34 13.26
CA PRO C 8 -43.90 -2.21 12.92
C PRO C 8 -44.50 -3.55 12.50
N ALA C 9 -45.82 -3.62 12.61
CA ALA C 9 -46.58 -4.82 12.25
C ALA C 9 -47.56 -4.59 11.12
N SER C 10 -48.34 -3.51 11.18
CA SER C 10 -49.31 -3.21 10.14
C SER C 10 -49.67 -1.73 10.22
N LEU C 11 -49.69 -1.08 9.06
CA LEU C 11 -50.00 0.34 8.96
C LEU C 11 -51.40 0.53 8.36
N ALA C 12 -51.79 1.79 8.20
CA ALA C 12 -53.10 2.15 7.65
C ALA C 12 -52.89 2.91 6.35
N VAL C 13 -53.55 2.46 5.29
CA VAL C 13 -53.45 3.10 3.99
C VAL C 13 -54.33 4.35 3.98
N SER C 14 -53.70 5.49 3.74
CA SER C 14 -54.42 6.77 3.70
C SER C 14 -53.78 7.66 2.65
N LEU C 15 -54.60 8.35 1.88
CA LEU C 15 -54.10 9.23 0.83
C LEU C 15 -53.42 10.44 1.43
N GLY C 16 -52.18 10.69 1.01
CA GLY C 16 -51.43 11.84 1.49
C GLY C 16 -50.98 11.72 2.93
N GLN C 17 -50.43 10.56 3.29
CA GLN C 17 -49.94 10.33 4.64
C GLN C 17 -48.58 9.66 4.58
N ARG C 18 -47.78 9.87 5.62
CA ARG C 18 -46.43 9.34 5.68
C ARG C 18 -46.41 7.98 6.36
N ALA C 19 -45.63 7.05 5.80
CA ALA C 19 -45.42 5.74 6.36
C ALA C 19 -43.96 5.59 6.78
N THR C 20 -43.75 4.99 7.95
CA THR C 20 -42.41 4.81 8.51
C THR C 20 -42.19 3.34 8.83
N ILE C 21 -41.19 2.74 8.19
CA ILE C 21 -40.80 1.36 8.42
C ILE C 21 -39.33 1.35 8.81
N SER C 22 -39.02 0.69 9.93
CA SER C 22 -37.66 0.64 10.45
C SER C 22 -37.27 -0.80 10.72
N CYS C 23 -36.02 -1.14 10.44
CA CYS C 23 -35.46 -2.46 10.68
C CYS C 23 -34.44 -2.38 11.80
N ARG C 24 -34.49 -3.36 12.71
CA ARG C 24 -33.58 -3.41 13.85
C ARG C 24 -32.29 -4.10 13.44
N ALA C 25 -31.18 -3.39 13.53
CA ALA C 25 -29.85 -3.88 13.16
C ALA C 25 -28.88 -3.65 14.31
N SER C 26 -29.29 -4.05 15.52
CA SER C 26 -28.47 -3.84 16.71
C SER C 26 -27.08 -4.42 16.55
N GLU C 27 -26.95 -5.54 15.85
CA GLU C 27 -25.66 -6.15 15.55
C GLU C 27 -25.38 -5.93 14.07
N SER C 28 -24.84 -4.75 13.76
CA SER C 28 -24.53 -4.36 12.39
C SER C 28 -23.71 -3.08 12.38
N VAL C 29 -22.78 -2.95 11.44
CA VAL C 29 -21.96 -1.76 11.28
C VAL C 29 -21.67 -1.57 9.80
N ASP C 30 -21.36 -0.34 9.41
CA ASP C 30 -21.02 -0.04 8.03
C ASP C 30 -19.59 -0.46 7.74
N ASN C 31 -19.39 -1.06 6.57
CA ASN C 31 -18.08 -1.59 6.19
C ASN C 31 -17.26 -0.58 5.40
N TYR C 32 -17.80 -0.10 4.28
CA TYR C 32 -17.07 0.82 3.40
C TYR C 32 -17.96 1.99 3.00
N GLY C 33 -18.65 2.57 3.99
CA GLY C 33 -19.45 3.75 3.77
C GLY C 33 -20.87 3.50 3.28
N ILE C 34 -21.10 2.37 2.62
CA ILE C 34 -22.43 2.03 2.09
C ILE C 34 -23.06 1.02 3.03
N SER C 35 -24.28 1.33 3.47
CA SER C 35 -24.99 0.43 4.38
C SER C 35 -25.47 -0.80 3.63
N PHE C 36 -25.00 -1.97 4.04
CA PHE C 36 -25.37 -3.24 3.41
C PHE C 36 -26.78 -3.61 3.84
N LEU C 37 -27.75 -2.97 3.19
CA LEU C 37 -29.16 -3.22 3.48
C LEU C 37 -29.98 -2.83 2.26
N ASN C 38 -31.01 -3.61 1.96
CA ASN C 38 -31.86 -3.40 0.80
C ASN C 38 -33.32 -3.36 1.22
N TRP C 39 -34.14 -2.74 0.36
CA TRP C 39 -35.58 -2.65 0.57
C TRP C 39 -36.28 -3.26 -0.63
N PHE C 40 -37.19 -4.20 -0.36
CA PHE C 40 -37.93 -4.90 -1.40
C PHE C 40 -39.43 -4.60 -1.27
N GLN C 41 -40.17 -5.08 -2.26
CA GLN C 41 -41.62 -4.92 -2.28
C GLN C 41 -42.22 -6.09 -3.04
N GLN C 42 -43.18 -6.78 -2.41
CA GLN C 42 -43.80 -7.97 -2.99
C GLN C 42 -45.31 -7.79 -2.95
N LYS C 43 -45.92 -7.68 -4.13
CA LYS C 43 -47.37 -7.58 -4.22
C LYS C 43 -48.01 -8.95 -4.04
N PRO C 44 -49.25 -8.99 -3.55
CA PRO C 44 -49.93 -10.29 -3.38
C PRO C 44 -50.10 -11.00 -4.71
N GLY C 45 -49.46 -12.16 -4.84
CA GLY C 45 -49.50 -12.94 -6.06
C GLY C 45 -48.41 -12.59 -7.07
N GLN C 46 -47.54 -11.64 -6.75
CA GLN C 46 -46.47 -11.23 -7.64
C GLN C 46 -45.11 -11.49 -6.99
N PRO C 47 -44.08 -11.76 -7.79
CA PRO C 47 -42.74 -11.97 -7.22
C PRO C 47 -42.21 -10.69 -6.61
N PRO C 48 -41.24 -10.79 -5.68
CA PRO C 48 -40.69 -9.58 -5.07
C PRO C 48 -39.99 -8.70 -6.09
N LYS C 49 -39.96 -7.40 -5.81
CA LYS C 49 -39.37 -6.41 -6.70
C LYS C 49 -38.46 -5.49 -5.90
N LEU C 50 -37.30 -5.19 -6.46
CA LEU C 50 -36.36 -4.29 -5.81
C LEU C 50 -36.95 -2.88 -5.72
N LEU C 51 -36.84 -2.27 -4.54
CA LEU C 51 -37.35 -0.92 -4.32
C LEU C 51 -36.23 0.08 -4.06
N ILE C 52 -35.39 -0.16 -3.05
CA ILE C 52 -34.29 0.73 -2.70
C ILE C 52 -33.13 -0.11 -2.20
N TYR C 53 -31.96 0.10 -2.78
CA TYR C 53 -30.74 -0.61 -2.38
C TYR C 53 -29.79 0.35 -1.67
N ALA C 54 -28.97 -0.21 -0.79
CA ALA C 54 -27.98 0.51 0.00
C ALA C 54 -28.60 1.56 0.92
N ALA C 55 -29.93 1.59 1.04
CA ALA C 55 -30.71 2.46 1.92
C ALA C 55 -30.56 3.94 1.58
N SER C 56 -29.80 4.30 0.55
CA SER C 56 -29.62 5.70 0.19
C SER C 56 -29.87 5.93 -1.29
N ASN C 57 -29.59 4.92 -2.11
CA ASN C 57 -29.71 5.05 -3.56
C ASN C 57 -31.04 4.48 -4.04
N GLN C 58 -31.53 5.02 -5.15
CA GLN C 58 -32.78 4.56 -5.75
C GLN C 58 -32.49 3.45 -6.76
N GLY C 59 -33.38 2.46 -6.79
CA GLY C 59 -33.21 1.32 -7.68
C GLY C 59 -33.50 1.63 -9.14
N SER C 60 -33.85 0.61 -9.90
CA SER C 60 -34.14 0.75 -11.32
C SER C 60 -35.65 0.70 -11.55
N GLY C 61 -36.16 1.69 -12.26
CA GLY C 61 -37.59 1.74 -12.56
C GLY C 61 -38.47 2.00 -11.38
N VAL C 62 -37.98 2.72 -10.38
CA VAL C 62 -38.74 3.07 -9.18
C VAL C 62 -38.95 4.58 -9.17
N PRO C 63 -40.17 5.07 -8.94
CA PRO C 63 -40.39 6.51 -8.89
C PRO C 63 -39.72 7.15 -7.68
N ALA C 64 -39.78 8.48 -7.64
CA ALA C 64 -39.17 9.25 -6.57
C ALA C 64 -40.02 9.26 -5.29
N ARG C 65 -41.04 8.42 -5.20
CA ARG C 65 -41.87 8.39 -4.00
C ARG C 65 -41.11 7.80 -2.82
N PHE C 66 -40.43 6.67 -3.03
CA PHE C 66 -39.70 6.01 -1.97
C PHE C 66 -38.31 6.61 -1.84
N SER C 67 -37.96 7.06 -0.63
CA SER C 67 -36.66 7.64 -0.35
C SER C 67 -36.15 7.06 0.97
N GLY C 68 -34.97 6.45 0.93
CA GLY C 68 -34.38 5.84 2.09
C GLY C 68 -33.46 6.79 2.83
N SER C 69 -33.31 6.57 4.14
CA SER C 69 -32.46 7.39 4.97
C SER C 69 -32.01 6.57 6.17
N GLY C 70 -30.85 6.95 6.72
CA GLY C 70 -30.30 6.26 7.86
C GLY C 70 -29.00 5.55 7.55
N SER C 71 -28.19 5.31 8.58
CA SER C 71 -26.91 4.62 8.41
C SER C 71 -26.52 4.00 9.73
N GLY C 72 -25.87 2.84 9.66
CA GLY C 72 -25.43 2.14 10.85
C GLY C 72 -26.42 1.10 11.34
N THR C 73 -27.20 1.46 12.36
CA THR C 73 -28.16 0.56 12.98
C THR C 73 -29.60 0.81 12.53
N TYR C 74 -30.07 2.04 12.67
CA TYR C 74 -31.46 2.37 12.37
C TYR C 74 -31.59 2.86 10.93
N PHE C 75 -32.72 2.51 10.31
CA PHE C 75 -33.03 2.94 8.95
C PHE C 75 -34.50 3.32 8.89
N SER C 76 -34.85 4.06 7.83
CA SER C 76 -36.22 4.53 7.65
C SER C 76 -36.54 4.58 6.18
N LEU C 77 -37.84 4.65 5.89
CA LEU C 77 -38.35 4.73 4.52
C LEU C 77 -39.44 5.80 4.46
N ASN C 78 -39.41 6.61 3.42
CA ASN C 78 -40.36 7.70 3.23
C ASN C 78 -41.35 7.32 2.14
N ILE C 79 -42.62 7.16 2.52
CA ILE C 79 -43.67 6.75 1.59
C ILE C 79 -44.74 7.84 1.63
N HIS C 80 -44.31 9.09 1.78
CA HIS C 80 -45.22 10.24 1.88
C HIS C 80 -46.30 10.28 0.80
N PRO C 81 -46.00 10.17 -0.50
CA PRO C 81 -47.10 10.17 -1.48
C PRO C 81 -47.67 8.77 -1.71
N MET C 82 -48.38 8.27 -0.70
CA MET C 82 -48.93 6.92 -0.76
C MET C 82 -50.32 6.95 -1.39
N GLU C 83 -50.46 6.28 -2.53
CA GLU C 83 -51.75 6.13 -3.19
C GLU C 83 -52.28 4.71 -2.94
N GLU C 84 -53.37 4.37 -3.62
CA GLU C 84 -53.97 3.04 -3.48
C GLU C 84 -53.18 1.95 -4.19
N ASP C 85 -52.08 2.31 -4.87
CA ASP C 85 -51.25 1.33 -5.58
C ASP C 85 -50.13 0.77 -4.72
N ASP C 86 -49.74 1.47 -3.66
CA ASP C 86 -48.61 1.09 -2.82
C ASP C 86 -48.98 0.06 -1.76
N THR C 87 -50.09 -0.65 -1.93
CA THR C 87 -50.52 -1.68 -0.98
C THR C 87 -49.77 -2.98 -1.28
N ALA C 88 -48.72 -3.23 -0.53
CA ALA C 88 -47.91 -4.43 -0.70
C ALA C 88 -47.17 -4.71 0.61
N VAL C 89 -46.21 -5.63 0.55
CA VAL C 89 -45.41 -6.02 1.71
C VAL C 89 -43.96 -5.65 1.43
N TYR C 90 -43.34 -4.92 2.36
CA TYR C 90 -41.97 -4.49 2.23
C TYR C 90 -41.09 -5.28 3.21
N PHE C 91 -40.01 -5.85 2.68
CA PHE C 91 -39.08 -6.65 3.49
C PHE C 91 -37.84 -5.82 3.82
N CYS C 92 -36.87 -6.47 4.47
CA CYS C 92 -35.64 -5.80 4.87
C CYS C 92 -34.54 -6.86 4.96
N GLN C 93 -33.58 -6.79 4.03
CA GLN C 93 -32.50 -7.77 3.96
C GLN C 93 -31.15 -7.05 4.03
N GLN C 94 -30.23 -7.62 4.81
CA GLN C 94 -28.89 -7.09 4.94
C GLN C 94 -27.90 -8.00 4.22
N THR C 95 -26.84 -7.40 3.69
CA THR C 95 -25.83 -8.10 2.88
C THR C 95 -24.44 -7.88 3.46
N LYS C 96 -24.30 -8.04 4.77
CA LYS C 96 -23.02 -7.91 5.45
C LYS C 96 -22.49 -9.31 5.75
N GLY C 97 -21.42 -9.69 5.06
CA GLY C 97 -20.89 -11.04 5.21
C GLY C 97 -21.90 -12.08 4.73
N VAL C 98 -21.69 -13.31 5.19
CA VAL C 98 -22.64 -14.39 4.89
C VAL C 98 -23.66 -14.38 6.02
N SER C 99 -24.64 -13.47 5.88
CA SER C 99 -25.73 -13.36 6.84
C SER C 99 -27.04 -13.00 6.17
N TRP C 100 -27.20 -13.33 4.88
CA TRP C 100 -28.35 -12.88 4.11
C TRP C 100 -29.65 -13.48 4.64
N THR C 101 -30.45 -12.64 5.30
CA THR C 101 -31.74 -13.06 5.83
C THR C 101 -32.75 -11.93 5.63
N PHE C 102 -34.02 -12.31 5.47
CA PHE C 102 -35.08 -11.35 5.26
C PHE C 102 -35.72 -10.97 6.60
N GLY C 103 -36.76 -10.15 6.55
CA GLY C 103 -37.45 -9.73 7.76
C GLY C 103 -38.85 -10.27 7.87
N GLY C 104 -39.66 -9.69 8.76
CA GLY C 104 -41.02 -10.16 8.93
C GLY C 104 -41.98 -9.62 7.90
N GLY C 105 -41.73 -8.41 7.39
CA GLY C 105 -42.62 -7.81 6.40
C GLY C 105 -43.82 -7.12 7.03
N THR C 106 -44.14 -5.93 6.55
CA THR C 106 -45.25 -5.14 7.06
C THR C 106 -46.22 -4.86 5.92
N LYS C 107 -47.41 -5.44 6.00
CA LYS C 107 -48.44 -5.21 4.99
C LYS C 107 -49.27 -3.99 5.36
N VAL C 108 -49.57 -3.16 4.38
CA VAL C 108 -50.35 -1.94 4.56
C VAL C 108 -51.75 -2.21 4.04
N GLU C 109 -52.75 -1.97 4.89
CA GLU C 109 -54.14 -2.17 4.52
C GLU C 109 -55.02 -1.46 5.54
N ILE C 110 -55.92 -0.62 5.05
CA ILE C 110 -56.82 0.12 5.92
C ILE C 110 -58.10 -0.67 6.16
C1 NAG D . -16.35 0.55 -13.93
C2 NAG D . -15.29 1.67 -14.02
C3 NAG D . -15.71 2.90 -13.23
C4 NAG D . -17.12 3.33 -13.63
C5 NAG D . -18.08 2.16 -13.50
C6 NAG D . -19.49 2.49 -13.95
C7 NAG D . -13.46 0.76 -12.50
C8 NAG D . -14.43 0.66 -11.35
N2 NAG D . -13.94 1.23 -13.68
O3 NAG D . -14.80 3.96 -13.47
O4 NAG D . -17.56 4.41 -12.80
O5 NAG D . -17.63 1.07 -14.31
O6 NAG D . -19.48 3.16 -15.20
O7 NAG D . -12.29 0.44 -12.37
C1 NAG D . -17.65 5.68 -13.29
C2 NAG D . -18.56 6.89 -13.14
C3 NAG D . -18.65 7.67 -14.45
C4 NAG D . -17.25 8.02 -14.95
C5 NAG D . -16.39 6.76 -15.03
C6 NAG D . -14.96 7.06 -15.40
C7 NAG D . -20.48 7.00 -11.60
C8 NAG D . -21.85 6.47 -11.29
N2 NAG D . -19.89 6.48 -12.69
O3 NAG D . -19.40 8.85 -14.24
O4 NAG D . -17.34 8.62 -16.24
O5 NAG D . -16.36 6.11 -13.76
O6 NAG D . -14.07 6.08 -14.87
O7 NAG D . -19.93 7.84 -10.90
CL CL E . 19.37 1.67 -5.58
C27 R16 F . 27.25 0.31 -10.33
C28 R16 F . 28.65 0.08 -9.77
C29 R16 F . 29.52 1.30 -10.09
C30 R16 F . 30.92 1.09 -9.53
C31 R16 F . 31.79 2.31 -9.86
C32 R16 F . 33.20 2.08 -9.30
C33 R16 F . 34.07 3.29 -9.64
C34 R16 F . 35.48 3.06 -9.13
C35 R16 F . 36.36 4.24 -9.52
C36 R16 F . 37.80 3.97 -9.09
C37 R16 F . 38.70 5.11 -9.55
C38 R16 F . 40.16 4.80 -9.20
C39 R16 F . 41.05 5.91 -9.72
C40 R16 F . 42.52 5.56 -9.44
C41 R16 F . 43.42 6.66 -10.00
C42 R16 F . 44.88 6.30 -9.74
C20 HP6 G . 39.02 22.19 -9.94
C21 HP6 G . 39.71 22.44 -8.60
C22 HP6 G . 40.52 21.20 -8.22
C23 HP6 G . 41.21 21.44 -6.87
C24 HP6 G . 42.03 20.21 -6.50
C25 HP6 G . 42.71 20.45 -5.15
C26 HP6 G . 43.55 19.22 -4.78
C1 D10 H . 13.61 -14.77 -20.66
C2 D10 H . 14.87 -13.96 -20.38
C3 D10 H . 15.30 -14.17 -18.92
C4 D10 H . 16.57 -13.37 -18.64
C5 D10 H . 16.98 -13.57 -17.19
C6 D10 H . 18.25 -12.77 -16.90
C7 D10 H . 18.66 -12.97 -15.45
C8 D10 H . 19.93 -12.16 -15.16
C9 D10 H . 20.33 -12.36 -13.71
C10 D10 H . 21.60 -11.55 -13.42
C20 HP6 I . 15.15 -19.03 -16.82
C21 HP6 I . 16.20 -18.04 -16.29
C22 HP6 I . 16.76 -18.55 -14.98
C23 HP6 I . 17.83 -17.58 -14.47
C24 HP6 I . 18.40 -18.11 -13.15
C25 HP6 I . 19.48 -17.14 -12.65
C26 HP6 I . 20.06 -17.67 -11.34
C1 D12 J . -5.27 -13.77 13.43
C2 D12 J . -3.80 -14.19 13.40
C3 D12 J . -2.91 -12.95 13.47
C4 D12 J . -1.45 -13.37 13.40
C5 D12 J . -0.57 -12.12 13.42
C6 D12 J . 0.89 -12.54 13.25
C7 D12 J . 1.78 -11.29 13.21
C8 D12 J . 3.23 -11.70 12.96
C9 D12 J . 4.11 -10.45 12.91
C10 D12 J . 5.55 -10.86 12.63
C11 D12 J . 6.42 -9.61 12.56
C12 D12 J . 7.87 -10.01 12.26
C1 D12 K . -1.42 -4.06 20.74
C2 D12 K . -1.92 -4.32 19.33
C3 D12 K . -1.89 -5.81 19.04
C4 D12 K . -2.36 -6.07 17.61
C5 D12 K . -2.29 -7.57 17.31
C6 D12 K . -2.69 -7.82 15.86
C7 D12 K . -4.14 -7.41 15.64
C8 D12 K . -4.55 -7.72 14.20
C9 D12 K . -6.02 -7.38 14.00
C10 D12 K . -6.45 -7.75 12.58
C11 D12 K . -7.93 -7.45 12.40
C12 D12 K . -8.36 -7.84 10.99
C20 HP6 L . 6.02 -0.05 25.56
C21 HP6 L . 5.42 -0.18 24.16
C22 HP6 L . 4.95 1.19 23.67
C23 HP6 L . 4.36 1.06 22.28
C24 HP6 L . 3.89 2.43 21.79
C25 HP6 L . 3.29 2.31 20.40
C26 HP6 L . 2.82 3.68 19.91
C20 HP6 M . 6.97 10.31 27.82
C21 HP6 M . 5.99 10.67 26.71
C22 HP6 M . 6.59 11.76 25.82
C23 HP6 M . 5.60 12.12 24.72
C24 HP6 M . 6.20 13.20 23.83
C25 HP6 M . 5.20 13.58 22.74
C26 HP6 M . 5.80 14.68 21.85
C20 HP6 N . 17.29 17.52 23.42
C21 HP6 N . 16.88 16.77 22.15
C22 HP6 N . 16.36 17.75 21.12
C23 HP6 N . 15.95 16.99 19.86
C24 HP6 N . 15.42 17.99 18.82
C25 HP6 N . 15.02 17.23 17.56
C26 HP6 N . 14.49 18.22 16.53
C1 LNK O . 12.13 15.02 24.33
C2 LNK O . 11.91 14.41 22.95
C3 LNK O . 11.43 15.50 21.99
C4 LNK O . 11.21 14.89 20.61
C5 LNK O . 12.54 14.38 20.06
C20 HP6 P . -1.94 14.78 14.14
C21 HP6 P . -3.14 13.91 13.82
C22 HP6 P . -3.96 14.57 12.71
C23 HP6 P . -5.17 13.69 12.38
C24 HP6 P . -5.98 14.36 11.26
C25 HP6 P . -7.20 13.49 10.94
C26 HP6 P . -8.01 14.14 9.83
C1 D10 Q . 3.55 16.28 9.12
C2 D10 Q . 3.42 15.32 7.92
C3 D10 Q . 2.71 16.03 6.77
C4 D10 Q . 1.29 16.38 7.20
C5 D10 Q . 0.57 17.09 6.05
C6 D10 Q . -0.85 17.44 6.48
C7 D10 Q . -1.57 18.14 5.33
C8 D10 Q . -3.00 18.49 5.74
C9 D10 Q . -3.71 19.20 4.59
C10 D10 Q . -5.13 19.54 5.01
C20 HP6 R . 20.14 25.03 20.77
C21 HP6 R . 19.59 24.85 19.35
C22 HP6 R . 19.21 26.21 18.77
C23 HP6 R . 18.67 26.03 17.36
C24 HP6 R . 17.39 25.19 17.41
C25 HP6 R . 16.85 25.01 15.99
C26 HP6 R . 15.58 24.17 16.03
C1 LNK S . 17.50 33.81 18.01
C2 LNK S . 16.88 33.27 16.71
C3 LNK S . 17.41 34.08 15.53
C4 LNK S . 16.79 33.55 14.23
C5 LNK S . 17.31 34.35 13.04
C20 HP6 T . 24.06 39.20 11.34
C21 HP6 T . 23.05 38.10 11.05
C22 HP6 T . 23.39 37.44 9.72
C23 HP6 T . 22.36 36.34 9.42
C24 HP6 T . 22.71 35.66 8.09
C25 HP6 T . 21.69 34.57 7.79
C26 HP6 T . 22.03 33.90 6.47
C1 LNK U . 23.27 27.55 -11.56
C2 LNK U . 21.87 27.40 -12.17
C3 LNK U . 21.87 26.21 -13.13
C4 LNK U . 20.48 26.06 -13.75
C5 LNK U . 20.48 24.87 -14.71
C1 LNK V . 19.78 20.75 -18.62
C2 LNK V . 20.15 19.31 -18.98
C3 LNK V . 21.66 19.15 -18.96
C4 LNK V . 22.02 17.71 -19.32
C5 LNK V . 21.46 16.76 -18.26
C20 HP6 W . 31.40 15.15 -16.15
C21 HP6 W . 29.89 15.33 -16.34
C22 HP6 W . 29.41 14.40 -17.46
C23 HP6 W . 27.91 14.60 -17.67
C24 HP6 W . 27.43 13.68 -18.79
C25 HP6 W . 25.93 13.90 -19.02
C26 HP6 W . 25.46 12.99 -20.16
C1 D10 X . 28.72 -0.81 -15.49
C2 D10 X . 29.44 0.43 -16.04
C3 D10 X . 30.70 0.69 -15.22
C4 D10 X . 31.41 1.92 -15.77
C5 D10 X . 32.67 2.19 -14.95
C6 D10 X . 33.63 1.00 -15.08
C7 D10 X . 34.88 1.27 -14.26
C8 D10 X . 35.84 0.08 -14.40
C9 D10 X . 37.09 0.34 -13.56
C10 D10 X . 37.82 1.57 -14.10
C1 D10 Y . -4.26 7.17 20.01
C2 D10 Y . -5.65 6.73 19.54
C3 D10 Y . -5.50 5.78 18.35
C4 D10 Y . -6.89 5.33 17.88
C5 D10 Y . -6.74 4.38 16.70
C6 D10 Y . -8.13 3.94 16.24
C7 D10 Y . -8.93 5.15 15.76
C8 D10 Y . -10.30 4.70 15.28
C9 D10 Y . -11.10 5.91 14.80
C10 D10 Y . -12.48 5.46 14.33
C1 D10 Z . 28.04 28.79 0.14
C2 D10 Z . 28.82 28.91 1.45
C3 D10 Z . 30.32 28.89 1.15
C4 D10 Z . 30.69 30.11 0.30
C5 D10 Z . 32.18 30.06 -0.01
C6 D10 Z . 32.98 30.14 1.29
C7 D10 Z . 34.48 30.06 0.97
C8 D10 Z . 35.27 30.15 2.27
C9 D10 Z . 36.77 30.06 1.96
C10 D10 Z . 37.56 30.17 3.26
C1 D12 AA . 8.06 27.59 8.28
C2 D12 AA . 8.93 28.32 7.26
C3 D12 AA . 8.27 28.23 5.88
C4 D12 AA . 9.16 28.92 4.85
C5 D12 AA . 8.54 28.77 3.46
C6 D12 AA . 7.23 29.55 3.41
C7 D12 AA . 6.51 29.24 2.10
C8 D12 AA . 7.38 29.64 0.92
C9 D12 AA . 6.67 29.29 -0.39
C10 D12 AA . 7.57 29.63 -1.57
C11 D12 AA . 6.88 29.25 -2.87
C12 D12 AA . 7.78 29.58 -4.05
C1 D10 BA . 12.24 28.13 0.11
C2 D10 BA . 11.51 28.03 -1.23
C3 D10 BA . 12.19 28.96 -2.25
C4 D10 BA . 11.47 28.86 -3.59
C5 D10 BA . 12.16 29.77 -4.60
C6 D10 BA . 11.45 29.65 -5.95
C7 D10 BA . 12.15 30.55 -6.97
C8 D10 BA . 11.47 30.41 -8.33
C9 D10 BA . 12.17 31.30 -9.34
C10 D10 BA . 11.50 31.15 -10.71
#